data_8H0P
#
_entry.id   8H0P
#
loop_
_entity.id
_entity.type
_entity.pdbx_description
1 polymer NMB30
2 polymer 'Neuromedin-B receptor'
3 polymer 'G-alpha q'
4 polymer 'Guanine nucleotide-binding protein G(I)/G(S)/G(T) subunit beta-1'
5 polymer scFv16
6 polymer 'Guanine nucleotide-binding protein G(I)/G(S)/G(O) subunit gamma-2'
#
loop_
_entity_poly.entity_id
_entity_poly.type
_entity_poly.pdbx_seq_one_letter_code
_entity_poly.pdbx_strand_id
1 'polypeptide(L)' NLWATGHFMG L
2 'polypeptide(L)'
;MPSKSLSNLSVTTGANESGSVPEGWERDFLPASDGTTTELVIRCVIPSLYLLIITVGLLGNIMLVKIFITNSAMRSVPNI
FISNLAAGDLLLLLTCVPVDASRYFFDEWMFGKVGCKLIPVIQLTSVGVSVFTQTALSADRYRAIVNPMDMQTSGALLRT
CVKAMGIWVVSVLLAVPEAVFSEVARISSLDNSSFTACIPYPQTDELHPKIHSVLIFLVYFLIPLAIISIYYYHIAKTLI
KSAHNLPGEYNEHTKKQMETRKRLAKIVLVFVGCFIFCWFPNHILYMYRSFNYNEIDPSLGHMIVTLVARVLSFGNSCVN
PFALYLLSESFRRHFNSQLCCGRKSYQERGTSYLLSSSAVRMTSLKSNAKNMVTNSVLLNGHSMKQEMAL
;
R
3 'polypeptide(L)'
;MGCTLSAEDKAAVERSKMIEKQLQKDKQVYRRTLRLLLLGADNSGKSTIVKQMRIYHVNGYSEEECKQYKAVVYSNTIQS
IIAIIRAMGRLKIDFGDSARADDARQLFVLAGAAEEGFMTAELAGVIKRLWKDSGVQACFNRSREYQLNDSAAYYLNDLD
RIAQPNYIPTQQDVLRTRVKTSGIFETKFQVDKVNFHMFDVGAQRDERRKWIQCFNDVTAIIFVVDSSDYNRLQEALNDF
KSIWNNRWLRTISVILFLNKQDLLAEKVLAGKSKIEDYFPEFARYTTPEDATPEPGEDPRVTRAKYFIRKEFVDISTASG
DGRHICYPHFTCSVDTENARRIFNDCKDIILQMNLREYNLV
;
A
4 'polypeptide(L)'
;MLLQSELDQLRQEAEQLKNQIRDARKACADATLSQITNNIDPVGRIQMRTRRTLRGHLAKIYAMHWGTDSRLLVSASQDG
KLIIWDSYTTNKVHAIPLRSSWVMTCAYAPSGNYVACGGLDNICSIYNLKTREGNVRVSRELAGHTGYLSCCRFLDDNQI
VTSSGDTTCALWDIETGQQTTTFTGHTGDVMSLSLAPDTRLFVSGACDASAKLWDVREGMCRQTFTGHESDINAICFFPN
GNAFATGSDDATCRLFDLRADQELMTYSHDNIICGITSVSFSKSGRLLLAGYDDFNCNVWDALKADRAGVLAGHDNRVSC
LGVTDDGMAVATGSWDSFLKIWN
;
B
5 'polypeptide(L)'
;VQLVESGGGLVQPGGSRKLSCSASGFAFSSFGMHWVRQAPEKGLEWVAYISSGSGTIYYADTVKGRFTISRDDPKNTLFL
QMTSLRSEDTAMYYCVRSIYYYGSSPFDFWGQGTTLTVSAGGGGSGGGGSGGGGSADIVMTQATSSVPVTPGESVSISCR
SSKSLLHSNGNTYLYWFLQRPGQSPQLLIYRMSNLASGVPDRFSGSGSGTAFTLTISRLEAEDVGVYYCMQHLEYPLTFG
AGTKLEL
;
E
6 'polypeptide(L)' MASNNTASIAQARKLVEQLKMEANIDRIKVSKAAADLMAYCEAHAKEDPLLTPVPASENPFREKKFFCAIL G
#
# COMPACT_ATOMS: atom_id res chain seq x y z
N ASN A 1 58.11 18.57 -3.86
CA ASN A 1 57.54 19.91 -3.87
C ASN A 1 56.31 19.95 -2.94
N LEU A 2 55.21 20.52 -3.44
CA LEU A 2 53.98 20.60 -2.66
C LEU A 2 53.24 19.27 -2.61
N TRP A 3 53.44 18.40 -3.61
CA TRP A 3 52.77 17.11 -3.63
C TRP A 3 53.27 16.15 -2.55
N ALA A 4 54.35 16.50 -1.86
CA ALA A 4 54.89 15.63 -0.81
C ALA A 4 54.11 15.74 0.50
N THR A 5 53.08 16.57 0.57
CA THR A 5 52.27 16.73 1.76
C THR A 5 50.82 16.38 1.46
N GLY A 6 50.05 16.20 2.52
CA GLY A 6 48.64 15.86 2.37
C GLY A 6 48.15 15.10 3.58
N HIS A 7 46.84 14.92 3.63
CA HIS A 7 46.16 14.21 4.72
C HIS A 7 45.46 13.00 4.12
N PHE A 8 46.20 11.89 4.02
CA PHE A 8 45.71 10.58 3.58
C PHE A 8 45.20 10.59 2.13
N MET A 9 45.15 11.74 1.47
CA MET A 9 44.64 11.83 0.11
C MET A 9 45.52 12.71 -0.75
N GLY A 10 45.14 12.87 -2.01
N GLU B 39 59.81 6.76 -20.11
CA GLU B 39 59.77 7.39 -18.79
C GLU B 39 58.94 8.67 -18.82
N LEU B 40 59.32 9.60 -19.69
CA LEU B 40 58.59 10.86 -19.81
C LEU B 40 57.23 10.64 -20.44
N VAL B 41 57.14 9.68 -21.37
CA VAL B 41 55.89 9.41 -22.06
C VAL B 41 54.82 8.98 -21.07
N ILE B 42 55.11 7.94 -20.29
CA ILE B 42 54.14 7.47 -19.30
C ILE B 42 53.92 8.52 -18.22
N ARG B 43 54.95 9.33 -17.92
CA ARG B 43 54.78 10.40 -16.93
C ARG B 43 53.77 11.43 -17.40
N CYS B 44 53.75 11.71 -18.71
CA CYS B 44 52.76 12.64 -19.25
C CYS B 44 51.41 11.98 -19.44
N VAL B 45 51.40 10.66 -19.65
CA VAL B 45 50.16 9.91 -19.83
C VAL B 45 49.38 9.73 -18.54
N ILE B 46 50.08 9.56 -17.41
CA ILE B 46 49.44 9.32 -16.11
C ILE B 46 48.40 10.38 -15.80
N PRO B 47 48.66 11.68 -15.99
CA PRO B 47 47.60 12.67 -15.73
C PRO B 47 46.38 12.50 -16.65
N SER B 48 46.58 12.04 -17.88
CA SER B 48 45.45 11.81 -18.77
C SER B 48 44.54 10.72 -18.23
N LEU B 49 45.11 9.59 -17.84
CA LEU B 49 44.33 8.52 -17.22
C LEU B 49 43.71 8.95 -15.91
N TYR B 50 44.41 9.81 -15.15
CA TYR B 50 43.85 10.34 -13.91
C TYR B 50 42.60 11.16 -14.18
N LEU B 51 42.67 12.09 -15.14
CA LEU B 51 41.50 12.88 -15.50
C LEU B 51 40.38 12.01 -16.04
N LEU B 52 40.74 10.96 -16.80
CA LEU B 52 39.73 10.05 -17.33
C LEU B 52 38.99 9.33 -16.20
N ILE B 53 39.74 8.82 -15.23
CA ILE B 53 39.13 8.14 -14.08
C ILE B 53 38.27 9.12 -13.30
N ILE B 54 38.74 10.36 -13.14
CA ILE B 54 37.99 11.36 -12.37
C ILE B 54 36.66 11.66 -13.05
N THR B 55 36.68 11.89 -14.37
CA THR B 55 35.44 12.22 -15.06
C THR B 55 34.51 11.02 -15.15
N VAL B 56 35.05 9.80 -15.27
CA VAL B 56 34.19 8.62 -15.26
C VAL B 56 33.52 8.46 -13.90
N GLY B 57 34.27 8.69 -12.81
CA GLY B 57 33.66 8.63 -11.49
C GLY B 57 32.61 9.70 -11.28
N LEU B 58 32.87 10.91 -11.79
CA LEU B 58 31.88 11.97 -11.70
C LEU B 58 30.61 11.62 -12.46
N LEU B 59 30.75 11.07 -13.66
CA LEU B 59 29.57 10.66 -14.43
C LEU B 59 28.82 9.54 -13.70
N GLY B 60 29.54 8.57 -13.15
CA GLY B 60 28.87 7.51 -12.40
C GLY B 60 28.12 8.03 -11.20
N ASN B 61 28.73 8.95 -10.45
CA ASN B 61 28.07 9.50 -9.25
C ASN B 61 26.85 10.33 -9.63
N ILE B 62 26.95 11.14 -10.69
CA ILE B 62 25.82 11.96 -11.07
C ILE B 62 24.68 11.10 -11.60
N MET B 63 25.01 10.01 -12.31
CA MET B 63 23.97 9.10 -12.75
C MET B 63 23.32 8.39 -11.57
N LEU B 64 24.11 7.99 -10.58
CA LEU B 64 23.56 7.33 -9.41
C LEU B 64 22.62 8.27 -8.64
N VAL B 65 23.03 9.52 -8.45
CA VAL B 65 22.18 10.44 -7.70
C VAL B 65 20.95 10.82 -8.52
N LYS B 66 21.06 10.87 -9.85
CA LYS B 66 19.89 11.13 -10.68
C LYS B 66 18.91 9.97 -10.61
N ILE B 67 19.42 8.74 -10.53
CA ILE B 67 18.53 7.58 -10.37
C ILE B 67 17.86 7.61 -9.01
N PHE B 68 18.64 7.89 -7.95
CA PHE B 68 18.07 7.87 -6.61
C PHE B 68 17.17 9.07 -6.32
N ILE B 69 17.25 10.12 -7.13
CA ILE B 69 16.41 11.31 -6.90
C ILE B 69 15.24 11.32 -7.88
N THR B 70 15.53 11.26 -9.17
CA THR B 70 14.52 11.41 -10.21
C THR B 70 13.89 10.09 -10.63
N ASN B 71 13.92 9.07 -9.77
CA ASN B 71 13.30 7.79 -10.08
C ASN B 71 12.88 7.12 -8.79
N SER B 72 11.58 6.86 -8.65
CA SER B 72 11.03 6.23 -7.46
C SER B 72 10.94 4.70 -7.57
N ALA B 73 11.49 4.13 -8.63
CA ALA B 73 11.44 2.68 -8.81
C ALA B 73 12.67 1.97 -8.27
N MET B 74 13.78 2.68 -8.09
CA MET B 74 15.02 2.09 -7.61
C MET B 74 15.27 2.37 -6.12
N ARG B 75 14.31 2.99 -5.44
CA ARG B 75 14.45 3.30 -4.02
C ARG B 75 13.77 2.21 -3.20
N SER B 76 14.51 1.60 -2.28
CA SER B 76 13.98 0.57 -1.40
C SER B 76 14.76 0.61 -0.09
N VAL B 77 14.60 -0.44 0.71
CA VAL B 77 15.27 -0.54 2.01
C VAL B 77 16.76 -0.84 1.83
N PRO B 78 17.16 -1.87 1.08
CA PRO B 78 18.60 -2.16 0.95
C PRO B 78 19.34 -1.25 -0.01
N ASN B 79 18.65 -0.34 -0.69
CA ASN B 79 19.29 0.52 -1.69
C ASN B 79 19.72 1.87 -1.13
N ILE B 80 19.40 2.18 0.13
CA ILE B 80 19.80 3.47 0.69
C ILE B 80 21.30 3.52 0.92
N PHE B 81 21.93 2.36 1.20
CA PHE B 81 23.38 2.33 1.35
C PHE B 81 24.09 2.61 0.03
N ILE B 82 23.50 2.19 -1.09
CA ILE B 82 24.08 2.52 -2.40
C ILE B 82 24.09 4.02 -2.62
N SER B 83 22.98 4.69 -2.29
CA SER B 83 22.92 6.13 -2.43
C SER B 83 23.87 6.82 -1.46
N ASN B 84 24.03 6.27 -0.25
CA ASN B 84 24.97 6.84 0.70
C ASN B 84 26.41 6.73 0.19
N LEU B 85 26.77 5.58 -0.37
CA LEU B 85 28.10 5.40 -0.93
C LEU B 85 28.31 6.31 -2.14
N ALA B 86 27.27 6.49 -2.96
CA ALA B 86 27.38 7.41 -4.09
C ALA B 86 27.62 8.84 -3.62
N ALA B 87 26.89 9.27 -2.59
CA ALA B 87 27.08 10.61 -2.06
C ALA B 87 28.47 10.77 -1.45
N GLY B 88 28.96 9.73 -0.77
CA GLY B 88 30.29 9.78 -0.20
C GLY B 88 31.37 9.89 -1.27
N ASP B 89 31.25 9.10 -2.34
CA ASP B 89 32.21 9.19 -3.43
C ASP B 89 32.11 10.52 -4.16
N LEU B 90 30.91 11.09 -4.26
CA LEU B 90 30.78 12.41 -4.88
C LEU B 90 31.45 13.48 -4.03
N LEU B 91 31.26 13.42 -2.72
CA LEU B 91 31.93 14.37 -1.83
C LEU B 91 33.44 14.19 -1.90
N LEU B 92 33.92 12.95 -2.02
CA LEU B 92 35.35 12.70 -2.16
C LEU B 92 35.88 13.32 -3.45
N LEU B 93 35.16 13.11 -4.56
CA LEU B 93 35.61 13.68 -5.83
C LEU B 93 35.52 15.20 -5.84
N LEU B 94 34.63 15.77 -5.04
CA LEU B 94 34.53 17.23 -4.98
C LEU B 94 35.52 17.86 -4.01
N THR B 95 36.03 17.10 -3.05
CA THR B 95 36.97 17.64 -2.06
C THR B 95 38.42 17.32 -2.38
N CYS B 96 38.74 16.02 -2.53
CA CYS B 96 40.14 15.62 -2.68
C CYS B 96 40.72 16.05 -4.03
N VAL B 97 39.91 15.95 -5.10
CA VAL B 97 40.42 16.23 -6.44
C VAL B 97 40.89 17.68 -6.59
N PRO B 98 40.15 18.70 -6.15
CA PRO B 98 40.70 20.07 -6.23
C PRO B 98 41.96 20.25 -5.41
N VAL B 99 42.04 19.62 -4.24
CA VAL B 99 43.22 19.74 -3.40
C VAL B 99 44.43 19.11 -4.09
N ASP B 100 44.26 17.91 -4.66
CA ASP B 100 45.35 17.27 -5.38
C ASP B 100 45.76 18.07 -6.61
N ALA B 101 44.78 18.68 -7.30
CA ALA B 101 45.10 19.50 -8.46
C ALA B 101 45.90 20.72 -8.04
N SER B 102 45.54 21.36 -6.92
CA SER B 102 46.29 22.50 -6.44
C SER B 102 47.68 22.11 -5.95
N ARG B 103 47.82 20.90 -5.39
CA ARG B 103 49.12 20.47 -4.92
C ARG B 103 50.05 20.09 -6.08
N TYR B 104 49.50 19.54 -7.15
CA TYR B 104 50.32 19.12 -8.29
C TYR B 104 50.46 20.21 -9.36
N PHE B 105 49.70 21.31 -9.26
CA PHE B 105 49.79 22.38 -10.24
C PHE B 105 50.36 23.68 -9.68
N PHE B 106 50.23 23.92 -8.37
CA PHE B 106 50.72 25.14 -7.74
C PHE B 106 51.85 24.80 -6.78
N ASP B 107 52.34 25.82 -6.09
CA ASP B 107 53.44 25.68 -5.14
C ASP B 107 53.03 25.99 -3.71
N GLU B 108 52.18 26.98 -3.50
CA GLU B 108 51.72 27.36 -2.16
C GLU B 108 50.31 26.84 -1.91
N TRP B 109 49.88 26.97 -0.65
CA TRP B 109 48.55 26.55 -0.24
C TRP B 109 47.56 27.67 -0.50
N MET B 110 46.59 27.42 -1.37
CA MET B 110 45.64 28.46 -1.78
C MET B 110 44.65 28.83 -0.69
N PHE B 111 44.54 28.04 0.38
CA PHE B 111 43.62 28.31 1.46
C PHE B 111 44.36 28.86 2.67
N GLY B 112 43.59 29.30 3.66
CA GLY B 112 44.13 29.83 4.90
C GLY B 112 44.18 28.79 5.99
N LYS B 113 44.02 29.26 7.23
CA LYS B 113 44.02 28.34 8.37
C LYS B 113 42.71 27.55 8.44
N VAL B 114 41.59 28.20 8.10
CA VAL B 114 40.30 27.52 8.13
C VAL B 114 40.26 26.40 7.10
N GLY B 115 40.91 26.60 5.95
CA GLY B 115 40.99 25.55 4.96
C GLY B 115 41.74 24.34 5.47
N CYS B 116 42.95 24.56 6.00
CA CYS B 116 43.74 23.47 6.57
C CYS B 116 43.05 22.83 7.76
N LYS B 117 42.13 23.54 8.42
CA LYS B 117 41.41 22.98 9.55
C LYS B 117 40.21 22.15 9.11
N LEU B 118 39.54 22.54 8.04
CA LEU B 118 38.28 21.92 7.64
C LEU B 118 38.43 20.90 6.51
N ILE B 119 39.10 21.27 5.42
CA ILE B 119 39.14 20.40 4.23
C ILE B 119 39.76 19.04 4.52
N PRO B 120 40.91 18.94 5.20
CA PRO B 120 41.43 17.58 5.51
C PRO B 120 40.48 16.76 6.35
N VAL B 121 39.79 17.38 7.30
CA VAL B 121 38.80 16.64 8.10
C VAL B 121 37.67 16.14 7.22
N ILE B 122 37.23 16.97 6.27
CA ILE B 122 36.16 16.56 5.37
C ILE B 122 36.61 15.38 4.50
N GLN B 123 37.84 15.44 3.99
CA GLN B 123 38.36 14.34 3.18
C GLN B 123 38.46 13.06 4.00
N LEU B 124 38.95 13.16 5.23
CA LEU B 124 39.11 11.97 6.06
C LEU B 124 37.76 11.36 6.41
N THR B 125 36.77 12.20 6.77
CA THR B 125 35.46 11.64 7.11
C THR B 125 34.75 11.11 5.87
N SER B 126 35.02 11.67 4.69
CA SER B 126 34.45 11.12 3.47
C SER B 126 35.04 9.74 3.17
N VAL B 127 36.35 9.60 3.28
CA VAL B 127 36.97 8.29 3.09
C VAL B 127 36.44 7.29 4.11
N GLY B 128 36.29 7.73 5.37
CA GLY B 128 35.80 6.84 6.40
C GLY B 128 34.37 6.38 6.16
N VAL B 129 33.49 7.32 5.79
CA VAL B 129 32.10 6.94 5.55
C VAL B 129 31.99 6.08 4.29
N SER B 130 32.86 6.30 3.30
CA SER B 130 32.86 5.44 2.11
C SER B 130 33.26 4.03 2.47
N VAL B 131 34.33 3.87 3.25
CA VAL B 131 34.78 2.54 3.66
C VAL B 131 33.71 1.85 4.49
N PHE B 132 33.11 2.59 5.43
CA PHE B 132 32.08 2.00 6.28
C PHE B 132 30.83 1.63 5.48
N THR B 133 30.48 2.42 4.46
CA THR B 133 29.32 2.08 3.65
C THR B 133 29.60 0.86 2.79
N GLN B 134 30.83 0.73 2.27
CA GLN B 134 31.19 -0.48 1.55
C GLN B 134 31.14 -1.70 2.47
N THR B 135 31.61 -1.55 3.71
CA THR B 135 31.54 -2.65 4.67
C THR B 135 30.09 -3.02 4.98
N ALA B 136 29.22 -2.01 5.12
CA ALA B 136 27.81 -2.29 5.38
C ALA B 136 27.14 -2.97 4.19
N LEU B 137 27.50 -2.57 2.97
CA LEU B 137 26.98 -3.25 1.79
C LEU B 137 27.44 -4.70 1.74
N SER B 138 28.71 -4.95 2.06
CA SER B 138 29.21 -6.32 2.10
C SER B 138 28.47 -7.14 3.15
N ALA B 139 28.23 -6.55 4.32
CA ALA B 139 27.51 -7.26 5.38
C ALA B 139 26.08 -7.56 4.97
N ASP B 140 25.42 -6.61 4.30
CA ASP B 140 24.05 -6.84 3.84
C ASP B 140 24.00 -7.94 2.79
N ARG B 141 24.95 -7.93 1.85
CA ARG B 141 25.01 -8.98 0.85
C ARG B 141 25.26 -10.35 1.50
N TYR B 142 26.15 -10.38 2.50
CA TYR B 142 26.41 -11.63 3.22
C TYR B 142 25.14 -12.14 3.90
N ARG B 143 24.44 -11.26 4.62
CA ARG B 143 23.23 -11.66 5.33
C ARG B 143 22.14 -12.09 4.35
N ALA B 144 22.08 -11.48 3.17
CA ALA B 144 21.03 -11.80 2.21
C ALA B 144 21.31 -13.11 1.48
N ILE B 145 22.57 -13.39 1.18
CA ILE B 145 22.92 -14.58 0.39
C ILE B 145 23.10 -15.80 1.28
N VAL B 146 23.86 -15.68 2.36
CA VAL B 146 24.12 -16.83 3.23
C VAL B 146 22.84 -17.22 3.97
N ASN B 147 22.03 -16.25 4.37
CA ASN B 147 20.78 -16.48 5.09
C ASN B 147 19.64 -15.91 4.27
N PRO B 148 19.18 -16.62 3.23
CA PRO B 148 18.08 -16.10 2.40
C PRO B 148 16.73 -16.23 3.08
N MET B 149 16.59 -17.23 3.97
CA MET B 149 15.34 -17.48 4.67
C MET B 149 15.28 -16.78 6.02
N ASP B 150 16.03 -15.69 6.20
CA ASP B 150 16.05 -14.94 7.45
C ASP B 150 15.36 -13.59 7.30
N MET B 151 14.32 -13.52 6.48
CA MET B 151 13.59 -12.28 6.27
C MET B 151 12.09 -12.47 6.50
N GLY B 155 9.92 -1.88 8.82
CA GLY B 155 10.73 -2.20 9.98
C GLY B 155 12.22 -2.13 9.70
N ALA B 156 12.63 -2.70 8.57
CA ALA B 156 14.04 -2.70 8.20
C ALA B 156 14.50 -1.36 7.65
N LEU B 157 13.57 -0.53 7.16
CA LEU B 157 13.96 0.77 6.63
C LEU B 157 14.51 1.66 7.72
N LEU B 158 13.82 1.72 8.87
CA LEU B 158 14.33 2.51 9.99
C LEU B 158 15.66 1.97 10.50
N ARG B 159 15.83 0.65 10.48
CA ARG B 159 17.10 0.05 10.90
C ARG B 159 18.23 0.49 9.97
N THR B 160 17.99 0.43 8.66
CA THR B 160 19.01 0.85 7.71
C THR B 160 19.31 2.35 7.85
N CYS B 161 18.27 3.15 8.10
CA CYS B 161 18.48 4.60 8.27
C CYS B 161 19.32 4.89 9.50
N VAL B 162 19.00 4.26 10.63
CA VAL B 162 19.77 4.51 11.85
C VAL B 162 21.17 3.93 11.72
N LYS B 163 21.34 2.85 10.95
CA LYS B 163 22.68 2.32 10.72
C LYS B 163 23.52 3.28 9.89
N ALA B 164 22.92 3.88 8.86
CA ALA B 164 23.63 4.89 8.07
C ALA B 164 23.96 6.10 8.91
N MET B 165 23.04 6.51 9.79
CA MET B 165 23.31 7.65 10.67
C MET B 165 24.47 7.33 11.62
N GLY B 166 24.49 6.13 12.20
CA GLY B 166 25.61 5.75 13.04
C GLY B 166 26.92 5.65 12.27
N ILE B 167 26.86 5.20 11.01
CA ILE B 167 28.05 5.16 10.19
C ILE B 167 28.60 6.56 9.97
N TRP B 168 27.71 7.52 9.66
CA TRP B 168 28.15 8.90 9.47
C TRP B 168 28.71 9.47 10.77
N VAL B 169 28.10 9.13 11.90
CA VAL B 169 28.58 9.63 13.19
C VAL B 169 29.98 9.09 13.47
N VAL B 170 30.19 7.78 13.28
CA VAL B 170 31.50 7.20 13.50
C VAL B 170 32.52 7.80 12.53
N SER B 171 32.11 8.11 11.30
CA SER B 171 33.03 8.68 10.34
C SER B 171 33.44 10.10 10.73
N VAL B 172 32.48 10.92 11.17
CA VAL B 172 32.81 12.29 11.56
C VAL B 172 33.48 12.37 12.92
N LEU B 173 33.39 11.32 13.73
CA LEU B 173 34.06 11.33 15.03
C LEU B 173 35.52 10.90 14.94
N LEU B 174 35.86 10.07 13.95
CA LEU B 174 37.23 9.63 13.77
C LEU B 174 38.11 10.65 13.05
N ALA B 175 37.53 11.73 12.54
CA ALA B 175 38.28 12.77 11.86
C ALA B 175 38.58 13.97 12.75
N VAL B 176 38.23 13.90 14.02
CA VAL B 176 38.47 14.99 14.97
C VAL B 176 39.97 15.19 15.22
N PRO B 177 40.76 14.15 15.52
CA PRO B 177 42.19 14.38 15.77
C PRO B 177 42.96 14.86 14.55
N GLU B 178 42.38 14.80 13.36
CA GLU B 178 43.04 15.29 12.14
C GLU B 178 42.97 16.81 12.01
N ALA B 179 42.38 17.50 12.99
CA ALA B 179 42.22 18.95 12.94
C ALA B 179 43.17 19.67 13.88
N VAL B 180 43.35 19.17 15.11
CA VAL B 180 44.20 19.85 16.07
C VAL B 180 45.67 19.69 15.69
N PHE B 181 46.08 18.47 15.32
CA PHE B 181 47.47 18.20 14.98
C PHE B 181 47.85 18.69 13.60
N SER B 182 46.91 19.20 12.81
CA SER B 182 47.20 19.72 11.48
C SER B 182 47.34 21.23 11.52
N GLU B 183 48.35 21.74 10.82
CA GLU B 183 48.59 23.19 10.80
C GLU B 183 49.38 23.53 9.56
N VAL B 184 49.38 24.83 9.23
CA VAL B 184 50.13 25.36 8.10
C VAL B 184 51.53 25.71 8.60
N ALA B 185 52.49 24.84 8.31
CA ALA B 185 53.86 25.03 8.77
C ALA B 185 54.82 24.97 7.59
N ARG B 186 56.00 25.54 7.78
CA ARG B 186 57.01 25.58 6.73
C ARG B 186 57.82 24.29 6.74
N ILE B 187 57.82 23.56 5.63
CA ILE B 187 58.56 22.30 5.52
C ILE B 187 60.02 22.62 5.21
N SER B 188 60.89 21.62 5.37
CA SER B 188 62.31 21.80 5.11
C SER B 188 62.59 21.84 3.60
N SER B 193 65.29 28.35 0.27
CA SER B 193 64.46 27.94 -0.86
C SER B 193 63.44 26.88 -0.45
N SER B 194 62.46 27.31 0.35
CA SER B 194 61.42 26.42 0.84
C SER B 194 60.10 27.19 0.84
N PHE B 195 59.05 26.52 1.33
CA PHE B 195 57.72 27.12 1.40
C PHE B 195 56.95 26.46 2.54
N THR B 196 55.69 26.83 2.67
CA THR B 196 54.82 26.32 3.72
C THR B 196 53.73 25.43 3.12
N ALA B 197 53.17 24.58 3.97
CA ALA B 197 52.12 23.65 3.55
C ALA B 197 51.33 23.21 4.77
N CYS B 198 50.14 22.65 4.50
CA CYS B 198 49.25 22.15 5.54
C CYS B 198 49.64 20.72 5.86
N ILE B 199 50.28 20.52 7.00
CA ILE B 199 50.77 19.20 7.39
C ILE B 199 49.95 18.68 8.56
N PRO B 200 49.73 17.37 8.65
CA PRO B 200 48.94 16.80 9.76
C PRO B 200 49.74 16.49 11.02
N TYR B 201 51.05 16.68 11.03
CA TYR B 201 51.86 16.35 12.18
C TYR B 201 52.81 17.49 12.50
N PRO B 202 52.95 17.84 13.78
CA PRO B 202 53.94 18.86 14.17
C PRO B 202 55.36 18.37 13.90
N GLN B 203 56.21 19.30 13.48
CA GLN B 203 57.60 18.96 13.17
C GLN B 203 58.44 18.67 14.42
N THR B 204 57.91 18.95 15.62
CA THR B 204 58.68 18.72 16.83
C THR B 204 58.63 17.25 17.25
N ASP B 205 57.44 16.73 17.51
CA ASP B 205 57.29 15.36 17.96
C ASP B 205 57.47 14.39 16.81
N GLU B 206 57.88 13.16 17.15
CA GLU B 206 58.11 12.12 16.16
C GLU B 206 57.33 10.83 16.41
N LEU B 207 56.86 10.57 17.64
CA LEU B 207 56.14 9.34 17.91
C LEU B 207 54.68 9.44 17.51
N HIS B 208 54.08 10.64 17.63
CA HIS B 208 52.68 10.80 17.23
C HIS B 208 52.42 10.49 15.77
N PRO B 209 53.28 10.89 14.81
CA PRO B 209 53.03 10.47 13.41
C PRO B 209 53.05 8.95 13.24
N LYS B 210 54.02 8.27 13.85
CA LYS B 210 54.10 6.82 13.73
C LYS B 210 52.92 6.13 14.40
N ILE B 211 52.38 6.72 15.46
CA ILE B 211 51.19 6.15 16.09
C ILE B 211 49.95 6.37 15.24
N HIS B 212 49.79 7.59 14.71
CA HIS B 212 48.62 7.89 13.89
C HIS B 212 48.64 7.10 12.58
N SER B 213 49.84 6.76 12.09
CA SER B 213 49.93 5.95 10.87
C SER B 213 49.25 4.60 11.06
N VAL B 214 49.63 3.87 12.11
CA VAL B 214 49.00 2.58 12.35
C VAL B 214 47.56 2.74 12.81
N LEU B 215 47.24 3.85 13.49
CA LEU B 215 45.85 4.08 13.88
C LEU B 215 44.95 4.23 12.66
N ILE B 216 45.45 4.88 11.60
CA ILE B 216 44.67 5.01 10.37
C ILE B 216 44.68 3.70 9.60
N PHE B 217 45.82 3.00 9.59
CA PHE B 217 45.93 1.76 8.82
C PHE B 217 45.11 0.62 9.41
N LEU B 218 44.84 0.64 10.72
CA LEU B 218 44.11 -0.45 11.35
C LEU B 218 42.61 -0.35 11.11
N VAL B 219 42.00 0.76 11.56
CA VAL B 219 40.54 0.87 11.54
C VAL B 219 39.99 1.17 10.14
N TYR B 220 40.81 1.70 9.24
CA TYR B 220 40.34 2.03 7.90
C TYR B 220 40.66 0.98 6.85
N PHE B 221 41.77 0.24 7.01
CA PHE B 221 42.20 -0.71 6.01
C PHE B 221 42.17 -2.14 6.52
N LEU B 222 42.85 -2.44 7.63
CA LEU B 222 43.05 -3.83 8.05
C LEU B 222 41.72 -4.47 8.44
N ILE B 223 40.99 -3.88 9.37
CA ILE B 223 39.74 -4.44 9.86
C ILE B 223 38.68 -4.48 8.75
N PRO B 224 38.44 -3.39 8.00
CA PRO B 224 37.43 -3.47 6.94
C PRO B 224 37.77 -4.48 5.86
N LEU B 225 39.04 -4.56 5.45
CA LEU B 225 39.42 -5.55 4.44
C LEU B 225 39.27 -6.97 4.98
N ALA B 226 39.69 -7.21 6.22
CA ALA B 226 39.56 -8.54 6.79
C ALA B 226 38.10 -8.93 6.97
N ILE B 227 37.21 -7.95 7.16
CA ILE B 227 35.79 -8.26 7.29
C ILE B 227 35.17 -8.56 5.92
N ILE B 228 35.43 -7.69 4.93
CA ILE B 228 34.83 -7.90 3.62
C ILE B 228 35.39 -9.14 2.94
N SER B 229 36.64 -9.52 3.25
CA SER B 229 37.22 -10.72 2.66
C SER B 229 36.46 -11.96 3.12
N ILE B 230 36.26 -12.11 4.43
CA ILE B 230 35.55 -13.29 4.92
C ILE B 230 34.07 -13.23 4.53
N TYR B 231 33.50 -12.02 4.43
CA TYR B 231 32.11 -11.92 3.99
C TYR B 231 31.95 -12.40 2.55
N TYR B 232 32.81 -11.92 1.64
CA TYR B 232 32.75 -12.36 0.26
C TYR B 232 33.13 -13.83 0.11
N TYR B 233 34.00 -14.34 0.99
CA TYR B 233 34.32 -15.76 0.95
C TYR B 233 33.12 -16.60 1.34
N HIS B 234 32.39 -16.20 2.38
CA HIS B 234 31.17 -16.91 2.74
C HIS B 234 30.11 -16.80 1.65
N ILE B 235 30.04 -15.64 0.99
CA ILE B 235 29.10 -15.47 -0.12
C ILE B 235 29.43 -16.43 -1.24
N ALA B 236 30.72 -16.53 -1.61
CA ALA B 236 31.12 -17.43 -2.67
C ALA B 236 30.89 -18.88 -2.28
N LYS B 237 31.14 -19.22 -1.02
CA LYS B 237 30.89 -20.59 -0.56
C LYS B 237 29.41 -20.94 -0.64
N THR B 238 28.55 -20.00 -0.26
CA THR B 238 27.10 -20.24 -0.34
C THR B 238 26.65 -20.35 -1.79
N LEU B 239 27.22 -19.54 -2.68
CA LEU B 239 26.82 -19.60 -4.08
C LEU B 239 27.33 -20.85 -4.77
N ILE B 240 28.46 -21.39 -4.31
CA ILE B 240 29.02 -22.59 -4.91
C ILE B 240 28.35 -23.86 -4.37
N LYS B 241 28.12 -23.92 -3.05
CA LYS B 241 27.49 -25.09 -2.47
C LYS B 241 26.06 -25.27 -2.97
N SER B 242 25.35 -24.17 -3.21
CA SER B 242 23.99 -24.26 -3.73
C SER B 242 23.94 -24.58 -5.21
N ALA B 243 25.02 -24.32 -5.96
CA ALA B 243 25.08 -24.60 -7.38
C ALA B 243 25.72 -25.96 -7.66
N HIS B 244 26.95 -26.17 -7.21
CA HIS B 244 27.67 -27.41 -7.41
C HIS B 244 27.91 -28.11 -6.08
N ASN B 245 28.59 -29.25 -6.14
CA ASN B 245 28.89 -30.02 -4.93
C ASN B 245 30.21 -29.58 -4.31
N GLU B 252 18.67 -29.80 -17.93
CA GLU B 252 18.48 -29.40 -16.53
C GLU B 252 17.89 -28.01 -16.44
N HIS B 253 17.03 -27.79 -15.45
CA HIS B 253 16.38 -26.50 -15.27
C HIS B 253 17.28 -25.46 -14.63
N THR B 254 18.51 -25.81 -14.27
CA THR B 254 19.46 -24.90 -13.64
C THR B 254 20.74 -24.77 -14.48
N LYS B 255 20.60 -24.61 -15.79
CA LYS B 255 21.75 -24.45 -16.66
C LYS B 255 22.09 -22.98 -16.92
N LYS B 256 21.12 -22.08 -16.78
CA LYS B 256 21.33 -20.67 -17.02
C LYS B 256 21.49 -19.86 -15.72
N GLN B 257 20.71 -20.19 -14.68
CA GLN B 257 20.82 -19.44 -13.43
C GLN B 257 22.12 -19.73 -12.71
N MET B 258 22.58 -20.97 -12.72
CA MET B 258 23.85 -21.32 -12.10
C MET B 258 25.05 -20.68 -12.79
N GLU B 259 24.94 -20.40 -14.09
CA GLU B 259 26.03 -19.72 -14.79
C GLU B 259 26.25 -18.32 -14.23
N THR B 260 25.19 -17.51 -14.18
CA THR B 260 25.32 -16.17 -13.61
C THR B 260 25.57 -16.22 -12.11
N ARG B 261 25.13 -17.30 -11.45
CA ARG B 261 25.47 -17.46 -10.03
C ARG B 261 26.97 -17.64 -9.84
N LYS B 262 27.59 -18.49 -10.66
CA LYS B 262 29.04 -18.64 -10.60
C LYS B 262 29.74 -17.35 -11.00
N ARG B 263 29.19 -16.63 -11.97
CA ARG B 263 29.76 -15.34 -12.36
C ARG B 263 29.76 -14.36 -11.19
N LEU B 264 28.65 -14.29 -10.47
CA LEU B 264 28.58 -13.40 -9.30
C LEU B 264 29.49 -13.88 -8.19
N ALA B 265 29.62 -15.20 -8.01
CA ALA B 265 30.50 -15.73 -6.99
C ALA B 265 31.96 -15.43 -7.31
N LYS B 266 32.30 -15.33 -8.59
CA LYS B 266 33.66 -14.93 -8.97
C LYS B 266 33.85 -13.42 -8.85
N ILE B 267 32.81 -12.65 -9.16
CA ILE B 267 32.92 -11.19 -9.09
C ILE B 267 33.07 -10.74 -7.64
N VAL B 268 32.35 -11.37 -6.71
CA VAL B 268 32.47 -11.00 -5.31
C VAL B 268 33.84 -11.37 -4.75
N LEU B 269 34.53 -12.33 -5.36
CA LEU B 269 35.89 -12.65 -4.95
C LEU B 269 36.90 -11.69 -5.57
N VAL B 270 36.68 -11.29 -6.83
CA VAL B 270 37.52 -10.28 -7.46
C VAL B 270 37.34 -8.92 -6.79
N PHE B 271 36.21 -8.72 -6.11
CA PHE B 271 36.00 -7.47 -5.36
C PHE B 271 37.08 -7.26 -4.31
N VAL B 272 37.51 -8.34 -3.64
CA VAL B 272 38.56 -8.21 -2.63
C VAL B 272 39.86 -7.77 -3.28
N GLY B 273 40.23 -8.40 -4.39
CA GLY B 273 41.44 -8.01 -5.09
C GLY B 273 41.39 -6.58 -5.58
N CYS B 274 40.22 -6.14 -6.05
CA CYS B 274 40.07 -4.75 -6.50
C CYS B 274 40.21 -3.79 -5.33
N PHE B 275 39.58 -4.09 -4.20
CA PHE B 275 39.71 -3.26 -3.01
C PHE B 275 41.17 -3.15 -2.58
N ILE B 276 41.89 -4.27 -2.60
CA ILE B 276 43.31 -4.26 -2.25
C ILE B 276 44.09 -3.39 -3.23
N PHE B 277 43.97 -3.69 -4.53
CA PHE B 277 44.70 -2.94 -5.55
C PHE B 277 44.37 -1.45 -5.54
N CYS B 278 43.21 -1.07 -5.01
CA CYS B 278 42.85 0.34 -4.95
C CYS B 278 43.28 1.03 -3.67
N TRP B 279 43.33 0.32 -2.54
CA TRP B 279 43.60 0.97 -1.26
C TRP B 279 45.00 0.73 -0.71
N PHE B 280 45.63 -0.40 -1.00
CA PHE B 280 46.95 -0.72 -0.46
C PHE B 280 48.02 0.28 -0.89
N PRO B 281 48.07 0.72 -2.16
CA PRO B 281 49.09 1.73 -2.51
C PRO B 281 48.98 3.02 -1.72
N ASN B 282 47.78 3.56 -1.54
CA ASN B 282 47.64 4.79 -0.77
C ASN B 282 48.04 4.59 0.69
N HIS B 283 47.70 3.44 1.27
CA HIS B 283 48.03 3.18 2.66
C HIS B 283 49.54 3.00 2.86
N ILE B 284 50.20 2.28 1.94
CA ILE B 284 51.64 2.11 2.08
C ILE B 284 52.36 3.44 1.82
N LEU B 285 51.81 4.28 0.93
CA LEU B 285 52.38 5.60 0.73
C LEU B 285 52.26 6.46 1.97
N TYR B 286 51.09 6.42 2.63
CA TYR B 286 50.90 7.20 3.85
C TYR B 286 51.81 6.69 4.96
N MET B 287 51.97 5.37 5.07
CA MET B 287 52.84 4.82 6.10
C MET B 287 54.30 5.16 5.84
N TYR B 288 54.70 5.21 4.56
CA TYR B 288 56.06 5.60 4.24
C TYR B 288 56.28 7.09 4.49
N ARG B 289 55.27 7.91 4.26
CA ARG B 289 55.39 9.34 4.53
C ARG B 289 55.43 9.62 6.03
N SER B 290 54.72 8.82 6.82
CA SER B 290 54.65 9.08 8.25
C SER B 290 56.00 8.92 8.94
N PHE B 291 56.88 8.07 8.40
CA PHE B 291 58.18 7.86 9.02
C PHE B 291 59.16 8.98 8.69
N ASN B 292 58.97 9.67 7.57
CA ASN B 292 59.87 10.74 7.15
C ASN B 292 59.07 11.96 6.71
N TYR B 293 58.08 12.36 7.53
CA TYR B 293 57.27 13.51 7.20
C TYR B 293 58.08 14.80 7.26
N ASN B 294 59.14 14.85 8.07
CA ASN B 294 60.01 16.02 8.10
C ASN B 294 61.01 16.02 6.95
N GLU B 295 61.43 14.82 6.50
CA GLU B 295 62.38 14.71 5.40
C GLU B 295 61.60 14.37 4.13
N ILE B 296 61.18 15.42 3.43
CA ILE B 296 60.41 15.24 2.21
C ILE B 296 61.30 14.62 1.13
N ASP B 297 60.70 13.80 0.27
CA ASP B 297 61.42 13.12 -0.80
C ASP B 297 60.93 13.60 -2.16
N PRO B 298 61.62 14.55 -2.79
CA PRO B 298 61.21 15.02 -4.12
C PRO B 298 61.78 14.22 -5.28
N SER B 299 62.30 13.02 -5.04
CA SER B 299 62.91 12.22 -6.10
C SER B 299 61.85 11.68 -7.05
N LEU B 300 62.32 11.02 -8.11
CA LEU B 300 61.42 10.45 -9.11
C LEU B 300 60.65 9.26 -8.54
N GLY B 301 61.31 8.46 -7.70
CA GLY B 301 60.64 7.29 -7.14
C GLY B 301 59.45 7.66 -6.27
N HIS B 302 59.64 8.64 -5.37
CA HIS B 302 58.53 9.08 -4.54
C HIS B 302 57.42 9.68 -5.38
N MET B 303 57.78 10.42 -6.43
CA MET B 303 56.77 11.03 -7.30
C MET B 303 55.93 9.97 -8.00
N ILE B 304 56.59 8.96 -8.59
CA ILE B 304 55.83 7.93 -9.30
C ILE B 304 55.03 7.07 -8.33
N VAL B 305 55.54 6.86 -7.11
CA VAL B 305 54.77 6.14 -6.10
C VAL B 305 53.52 6.91 -5.72
N THR B 306 53.66 8.22 -5.50
CA THR B 306 52.49 9.04 -5.19
C THR B 306 51.48 9.02 -6.33
N LEU B 307 51.96 9.11 -7.57
CA LEU B 307 51.04 9.10 -8.72
C LEU B 307 50.30 7.77 -8.81
N VAL B 308 51.03 6.66 -8.72
CA VAL B 308 50.39 5.34 -8.84
C VAL B 308 49.53 5.03 -7.63
N ALA B 309 49.74 5.72 -6.51
CA ALA B 309 48.86 5.53 -5.36
C ALA B 309 47.59 6.35 -5.50
N ARG B 310 47.70 7.58 -6.00
CA ARG B 310 46.52 8.42 -6.15
C ARG B 310 45.60 7.91 -7.25
N VAL B 311 46.17 7.48 -8.39
CA VAL B 311 45.33 7.01 -9.49
C VAL B 311 44.58 5.74 -9.13
N LEU B 312 45.02 5.01 -8.11
CA LEU B 312 44.32 3.82 -7.64
C LEU B 312 43.42 4.10 -6.45
N SER B 313 43.77 5.09 -5.61
CA SER B 313 42.87 5.47 -4.53
C SER B 313 41.63 6.17 -5.07
N PHE B 314 41.76 6.90 -6.17
CA PHE B 314 40.61 7.53 -6.82
C PHE B 314 39.83 6.57 -7.71
N GLY B 315 40.16 5.28 -7.68
CA GLY B 315 39.45 4.29 -8.49
C GLY B 315 38.19 3.74 -7.88
N ASN B 316 37.92 4.02 -6.60
CA ASN B 316 36.69 3.56 -5.97
C ASN B 316 35.46 4.28 -6.50
N SER B 317 35.63 5.49 -7.05
CA SER B 317 34.51 6.19 -7.68
C SER B 317 34.10 5.57 -9.01
N CYS B 318 34.90 4.65 -9.55
CA CYS B 318 34.57 3.94 -10.77
C CYS B 318 34.37 2.45 -10.58
N VAL B 319 34.95 1.85 -9.54
CA VAL B 319 34.78 0.42 -9.31
C VAL B 319 33.32 0.11 -8.98
N ASN B 320 32.70 0.91 -8.11
CA ASN B 320 31.32 0.64 -7.72
C ASN B 320 30.33 0.87 -8.86
N PRO B 321 30.36 1.99 -9.59
CA PRO B 321 29.40 2.14 -10.70
C PRO B 321 29.55 1.09 -11.78
N PHE B 322 30.78 0.76 -12.20
CA PHE B 322 30.99 -0.27 -13.20
C PHE B 322 30.51 -1.63 -12.73
N ALA B 323 30.78 -1.98 -11.46
CA ALA B 323 30.31 -3.26 -10.94
C ALA B 323 28.79 -3.31 -10.88
N LEU B 324 28.15 -2.22 -10.44
CA LEU B 324 26.70 -2.17 -10.41
C LEU B 324 26.09 -2.21 -11.81
N TYR B 325 26.80 -1.68 -12.81
CA TYR B 325 26.32 -1.71 -14.18
C TYR B 325 26.48 -3.08 -14.83
N LEU B 326 27.58 -3.79 -14.53
CA LEU B 326 27.81 -5.08 -15.14
C LEU B 326 27.12 -6.22 -14.41
N LEU B 327 26.78 -6.03 -13.13
CA LEU B 327 26.10 -7.06 -12.36
C LEU B 327 24.59 -6.88 -12.40
N SER B 328 24.10 -5.74 -11.92
CA SER B 328 22.67 -5.50 -11.81
C SER B 328 22.06 -5.19 -13.17
N GLU B 329 20.82 -5.61 -13.36
CA GLU B 329 20.06 -5.32 -14.57
C GLU B 329 19.10 -4.16 -14.42
N SER B 330 18.59 -3.93 -13.20
CA SER B 330 17.67 -2.81 -12.98
C SER B 330 18.37 -1.47 -13.17
N PHE B 331 19.63 -1.37 -12.73
CA PHE B 331 20.39 -0.14 -12.93
C PHE B 331 20.97 -0.03 -14.33
N ARG B 332 21.15 -1.16 -15.03
CA ARG B 332 21.72 -1.13 -16.37
C ARG B 332 20.79 -0.41 -17.35
N ARG B 333 19.49 -0.72 -17.30
CA ARG B 333 18.54 -0.05 -18.18
C ARG B 333 18.43 1.43 -17.86
N HIS B 334 18.50 1.80 -16.59
CA HIS B 334 18.47 3.22 -16.23
C HIS B 334 19.71 3.94 -16.72
N PHE B 335 20.88 3.31 -16.60
CA PHE B 335 22.11 3.90 -17.13
C PHE B 335 22.04 4.06 -18.64
N ASN B 336 21.46 3.08 -19.33
CA ASN B 336 21.34 3.18 -20.78
C ASN B 336 20.32 4.24 -21.20
N SER B 337 19.26 4.42 -20.40
CA SER B 337 18.25 5.43 -20.73
C SER B 337 18.69 6.84 -20.38
N GLN B 338 19.56 7.01 -19.39
CA GLN B 338 20.06 8.32 -19.01
C GLN B 338 21.27 8.77 -19.82
N LEU B 339 21.56 8.10 -20.94
CA LEU B 339 22.68 8.50 -21.78
C LEU B 339 22.36 9.75 -22.58
N CYS B 340 21.08 9.96 -22.93
CA CYS B 340 20.68 11.12 -23.70
C CYS B 340 20.25 12.30 -22.85
N CYS B 341 19.63 12.04 -21.69
CA CYS B 341 19.19 13.12 -20.82
C CYS B 341 20.33 13.67 -19.96
N GLY B 342 21.30 12.83 -19.60
CA GLY B 342 22.42 13.27 -18.79
C GLY B 342 22.51 12.56 -17.46
N LEU C 5 -7.40 20.37 15.47
CA LEU C 5 -6.47 20.86 16.48
C LEU C 5 -7.08 20.78 17.87
N SER C 6 -8.33 20.35 17.95
CA SER C 6 -9.03 20.24 19.21
C SER C 6 -8.67 18.92 19.88
N ALA C 7 -9.33 18.62 21.02
CA ALA C 7 -9.05 17.37 21.71
C ALA C 7 -9.54 16.16 20.92
N GLU C 8 -10.69 16.29 20.27
CA GLU C 8 -11.20 15.19 19.45
C GLU C 8 -10.27 14.92 18.26
N ASP C 9 -9.70 15.97 17.68
CA ASP C 9 -8.75 15.78 16.60
C ASP C 9 -7.49 15.05 17.08
N LYS C 10 -6.99 15.42 18.26
CA LYS C 10 -5.84 14.73 18.82
C LYS C 10 -6.15 13.26 19.12
N ALA C 11 -7.35 12.99 19.63
CA ALA C 11 -7.74 11.61 19.89
C ALA C 11 -7.86 10.81 18.60
N ALA C 12 -8.39 11.43 17.54
CA ALA C 12 -8.47 10.76 16.25
C ALA C 12 -7.09 10.48 15.69
N VAL C 13 -6.15 11.43 15.84
CA VAL C 13 -4.79 11.21 15.38
C VAL C 13 -4.13 10.08 16.18
N GLU C 14 -4.39 10.02 17.48
CA GLU C 14 -3.85 8.95 18.30
C GLU C 14 -4.41 7.60 17.88
N ARG C 15 -5.71 7.54 17.60
CA ARG C 15 -6.31 6.29 17.15
C ARG C 15 -5.76 5.87 15.78
N SER C 16 -5.53 6.85 14.89
CA SER C 16 -4.92 6.55 13.60
C SER C 16 -3.51 6.02 13.77
N LYS C 17 -2.74 6.58 14.71
CA LYS C 17 -1.40 6.08 14.97
C LYS C 17 -1.45 4.67 15.55
N MET C 18 -2.44 4.38 16.39
CA MET C 18 -2.59 3.03 16.92
C MET C 18 -2.93 2.04 15.82
N ILE C 19 -3.81 2.42 14.89
CA ILE C 19 -4.14 1.55 13.77
C ILE C 19 -2.92 1.36 12.88
N GLU C 20 -2.11 2.40 12.70
CA GLU C 20 -0.89 2.27 11.92
C GLU C 20 0.10 1.31 12.59
N LYS C 21 0.23 1.40 13.90
CA LYS C 21 1.11 0.48 14.62
C LYS C 21 0.60 -0.96 14.52
N GLN C 22 -0.73 -1.15 14.59
CA GLN C 22 -1.29 -2.48 14.42
C GLN C 22 -1.02 -3.03 13.01
N LEU C 23 -1.16 -2.16 12.00
CA LEU C 23 -0.87 -2.59 10.63
C LEU C 23 0.60 -2.92 10.45
N GLN C 24 1.49 -2.18 11.11
CA GLN C 24 2.91 -2.50 11.04
C GLN C 24 3.22 -3.81 11.74
N LYS C 25 2.57 -4.07 12.88
CA LYS C 25 2.75 -5.34 13.57
C LYS C 25 2.26 -6.50 12.70
N ASP C 26 1.16 -6.28 11.96
CA ASP C 26 0.69 -7.31 11.04
C ASP C 26 1.65 -7.51 9.88
N LYS C 27 2.19 -6.41 9.35
CA LYS C 27 3.17 -6.51 8.26
C LYS C 27 4.43 -7.24 8.71
N GLN C 28 4.81 -7.09 9.98
CA GLN C 28 6.00 -7.77 10.49
C GLN C 28 5.87 -9.28 10.34
N VAL C 29 4.72 -9.84 10.73
CA VAL C 29 4.52 -11.28 10.57
C VAL C 29 4.13 -11.64 9.15
N TYR C 30 3.65 -10.67 8.35
CA TYR C 30 3.29 -10.97 6.97
C TYR C 30 4.53 -11.12 6.09
N ARG C 31 5.61 -10.38 6.40
CA ARG C 31 6.82 -10.49 5.60
C ARG C 31 7.64 -11.73 5.95
N ARG C 32 7.49 -12.25 7.18
CA ARG C 32 8.26 -13.40 7.62
C ARG C 32 7.73 -14.73 7.11
N THR C 33 6.70 -14.72 6.28
CA THR C 33 6.14 -15.93 5.71
C THR C 33 6.11 -15.83 4.19
N LEU C 34 5.92 -16.98 3.54
CA LEU C 34 5.86 -17.05 2.09
C LEU C 34 4.47 -17.47 1.65
N ARG C 35 4.13 -17.14 0.41
CA ARG C 35 2.82 -17.42 -0.15
C ARG C 35 2.97 -18.20 -1.45
N LEU C 36 2.31 -19.34 -1.54
CA LEU C 36 2.36 -20.20 -2.72
C LEU C 36 0.98 -20.34 -3.32
N LEU C 37 0.93 -20.50 -4.63
CA LEU C 37 -0.32 -20.67 -5.38
C LEU C 37 -0.37 -22.07 -5.96
N LEU C 38 -1.32 -22.87 -5.49
CA LEU C 38 -1.46 -24.25 -5.97
C LEU C 38 -2.40 -24.28 -7.16
N LEU C 39 -1.92 -24.81 -8.28
CA LEU C 39 -2.70 -24.91 -9.50
C LEU C 39 -2.61 -26.32 -10.06
N GLY C 40 -3.61 -26.69 -10.84
CA GLY C 40 -3.67 -28.01 -11.44
C GLY C 40 -5.08 -28.33 -11.90
N ALA C 41 -5.17 -29.31 -12.78
CA ALA C 41 -6.44 -29.73 -13.35
C ALA C 41 -7.11 -30.73 -12.40
N ASP C 42 -8.24 -31.30 -12.84
CA ASP C 42 -8.96 -32.27 -12.02
C ASP C 42 -8.29 -33.63 -12.01
N ASN C 43 -7.59 -33.99 -13.10
CA ASN C 43 -6.91 -35.28 -13.16
C ASN C 43 -5.64 -35.32 -12.32
N SER C 44 -5.12 -34.16 -11.92
CA SER C 44 -3.90 -34.11 -11.14
C SER C 44 -4.16 -34.56 -9.70
N GLY C 45 -3.10 -34.62 -8.92
CA GLY C 45 -3.19 -35.04 -7.54
C GLY C 45 -3.09 -33.89 -6.54
N LYS C 46 -3.76 -32.78 -6.86
CA LYS C 46 -3.71 -31.61 -5.99
C LYS C 46 -4.26 -31.92 -4.60
N SER C 47 -5.35 -32.68 -4.53
CA SER C 47 -5.91 -33.05 -3.23
C SER C 47 -4.95 -33.95 -2.45
N THR C 48 -4.22 -34.81 -3.16
CA THR C 48 -3.24 -35.67 -2.50
C THR C 48 -2.12 -34.85 -1.89
N ILE C 49 -1.63 -33.84 -2.62
CA ILE C 49 -0.58 -32.98 -2.10
C ILE C 49 -1.10 -32.12 -0.95
N VAL C 50 -2.37 -31.73 -1.01
CA VAL C 50 -2.95 -30.97 0.09
C VAL C 50 -3.02 -31.82 1.35
N LYS C 51 -3.56 -33.03 1.25
CA LYS C 51 -3.67 -33.91 2.40
C LYS C 51 -2.33 -34.50 2.82
N GLN C 52 -1.28 -34.37 2.01
CA GLN C 52 0.02 -34.91 2.34
C GLN C 52 0.89 -33.92 3.11
N MET C 53 0.80 -32.63 2.80
CA MET C 53 1.59 -31.61 3.47
C MET C 53 0.80 -31.00 4.62
N ARG C 54 0.67 -31.80 5.69
CA ARG C 54 -0.03 -31.39 6.89
C ARG C 54 0.91 -31.00 8.02
N ILE C 55 2.21 -31.16 7.84
CA ILE C 55 3.18 -30.81 8.86
C ILE C 55 3.34 -29.29 8.95
N THR C 181 -18.32 -24.54 -2.12
CA THR C 181 -18.87 -23.26 -1.73
C THR C 181 -17.88 -22.13 -2.00
N SER C 182 -16.81 -22.08 -1.21
CA SER C 182 -15.79 -21.05 -1.36
C SER C 182 -14.88 -21.39 -2.54
N GLY C 183 -14.49 -20.36 -3.28
CA GLY C 183 -13.63 -20.55 -4.43
C GLY C 183 -12.16 -20.39 -4.11
N ILE C 184 -11.82 -20.38 -2.82
CA ILE C 184 -10.44 -20.28 -2.38
C ILE C 184 -10.29 -21.03 -1.07
N PHE C 185 -9.09 -21.59 -0.87
CA PHE C 185 -8.78 -22.33 0.34
C PHE C 185 -7.33 -22.11 0.69
N GLU C 186 -7.07 -21.68 1.92
CA GLU C 186 -5.73 -21.37 2.39
C GLU C 186 -5.27 -22.45 3.37
N THR C 187 -4.05 -22.95 3.17
CA THR C 187 -3.44 -23.96 4.03
C THR C 187 -2.22 -23.35 4.69
N LYS C 188 -2.14 -23.47 6.01
CA LYS C 188 -1.05 -22.90 6.80
C LYS C 188 -0.20 -24.05 7.34
N PHE C 189 1.03 -24.15 6.85
CA PHE C 189 1.97 -25.15 7.34
C PHE C 189 3.37 -24.53 7.45
N GLN C 190 4.07 -24.85 8.53
CA GLN C 190 5.39 -24.32 8.82
C GLN C 190 6.38 -25.47 8.91
N VAL C 191 7.39 -25.44 8.04
CA VAL C 191 8.48 -26.41 8.06
C VAL C 191 9.79 -25.66 7.96
N ASP C 192 10.79 -26.10 8.73
CA ASP C 192 12.10 -25.46 8.77
C ASP C 192 12.00 -24.00 9.21
N LYS C 193 11.10 -23.72 10.15
CA LYS C 193 10.95 -22.41 10.77
C LYS C 193 10.59 -21.33 9.74
N VAL C 194 9.66 -21.66 8.84
CA VAL C 194 9.11 -20.68 7.91
C VAL C 194 7.74 -21.16 7.47
N ASN C 195 6.76 -20.26 7.51
CA ASN C 195 5.38 -20.58 7.19
C ASN C 195 5.12 -20.39 5.70
N PHE C 196 4.34 -21.30 5.12
CA PHE C 196 3.94 -21.23 3.73
C PHE C 196 2.42 -21.24 3.65
N HIS C 197 1.85 -20.15 3.12
CA HIS C 197 0.40 -20.02 2.96
C HIS C 197 0.08 -20.49 1.54
N MET C 198 -0.48 -21.69 1.43
CA MET C 198 -0.80 -22.28 0.14
C MET C 198 -2.25 -21.96 -0.20
N PHE C 199 -2.45 -21.19 -1.28
CA PHE C 199 -3.79 -20.81 -1.72
C PHE C 199 -4.17 -21.65 -2.94
N ASP C 200 -5.29 -22.34 -2.84
CA ASP C 200 -5.76 -23.21 -3.92
C ASP C 200 -7.21 -22.90 -4.22
N VAL C 201 -7.56 -22.92 -5.51
CA VAL C 201 -8.93 -22.63 -5.94
C VAL C 201 -9.81 -23.84 -5.65
N GLY C 202 -10.92 -23.61 -4.95
CA GLY C 202 -11.80 -24.70 -4.58
C GLY C 202 -13.02 -24.84 -5.45
N ALA C 203 -13.71 -23.74 -5.74
CA ALA C 203 -14.96 -23.75 -6.49
C ALA C 203 -14.95 -22.68 -7.58
N GLN C 204 -13.86 -22.61 -8.33
CA GLN C 204 -13.73 -21.68 -9.44
C GLN C 204 -13.63 -22.44 -10.75
N ARG C 205 -13.78 -21.72 -11.85
CA ARG C 205 -13.75 -22.31 -13.18
C ARG C 205 -12.31 -22.66 -13.55
N ASP C 206 -12.17 -23.31 -14.72
CA ASP C 206 -10.84 -23.67 -15.21
C ASP C 206 -10.09 -22.49 -15.82
N GLU C 207 -10.79 -21.39 -16.09
CA GLU C 207 -10.14 -20.22 -16.66
C GLU C 207 -9.30 -19.53 -15.61
N ARG C 208 -8.06 -19.19 -15.97
CA ARG C 208 -7.09 -18.56 -15.08
C ARG C 208 -6.46 -17.35 -15.75
N ARG C 209 -7.29 -16.51 -16.36
CA ARG C 209 -6.82 -15.33 -17.09
C ARG C 209 -7.07 -14.04 -16.34
N LYS C 210 -8.17 -13.93 -15.60
CA LYS C 210 -8.51 -12.71 -14.90
C LYS C 210 -8.13 -12.75 -13.42
N TRP C 211 -8.55 -13.79 -12.69
CA TRP C 211 -8.25 -13.88 -11.27
C TRP C 211 -6.80 -14.25 -10.99
N ILE C 212 -5.98 -14.46 -12.02
CA ILE C 212 -4.58 -14.78 -11.80
C ILE C 212 -3.80 -13.54 -11.38
N GLN C 213 -4.27 -12.35 -11.78
CA GLN C 213 -3.56 -11.12 -11.45
C GLN C 213 -3.49 -10.87 -9.95
N CYS C 214 -4.37 -11.50 -9.17
CA CYS C 214 -4.33 -11.36 -7.72
C CYS C 214 -3.20 -12.16 -7.09
N PHE C 215 -2.56 -13.05 -7.84
CA PHE C 215 -1.46 -13.87 -7.32
C PHE C 215 -0.11 -13.39 -7.82
N ASN C 216 0.08 -12.08 -7.93
CA ASN C 216 1.35 -11.50 -8.32
C ASN C 216 2.24 -11.29 -7.11
N ASP C 217 3.54 -11.22 -7.35
CA ASP C 217 4.57 -11.05 -6.32
C ASP C 217 4.54 -12.15 -5.27
N VAL C 218 3.95 -13.30 -5.60
CA VAL C 218 3.92 -14.45 -4.70
C VAL C 218 5.25 -15.19 -4.79
N THR C 219 5.49 -16.11 -3.85
CA THR C 219 6.75 -16.83 -3.83
C THR C 219 6.86 -17.79 -5.02
N ALA C 220 5.88 -18.67 -5.18
CA ALA C 220 5.94 -19.65 -6.26
C ALA C 220 4.53 -20.14 -6.59
N ILE C 221 4.41 -20.74 -7.77
CA ILE C 221 3.17 -21.36 -8.23
C ILE C 221 3.45 -22.85 -8.39
N ILE C 222 2.93 -23.66 -7.48
CA ILE C 222 3.09 -25.11 -7.53
C ILE C 222 2.05 -25.65 -8.50
N PHE C 223 2.49 -26.08 -9.68
CA PHE C 223 1.61 -26.63 -10.71
C PHE C 223 1.71 -28.14 -10.71
N VAL C 224 0.59 -28.81 -10.42
CA VAL C 224 0.55 -30.26 -10.32
C VAL C 224 0.12 -30.84 -11.65
N VAL C 225 0.80 -31.90 -12.09
CA VAL C 225 0.52 -32.58 -13.34
C VAL C 225 0.49 -34.09 -13.07
N ASP C 226 -0.57 -34.74 -13.54
CA ASP C 226 -0.68 -36.20 -13.44
C ASP C 226 0.07 -36.82 -14.62
N SER C 227 1.34 -37.17 -14.40
CA SER C 227 2.17 -37.71 -15.46
C SER C 227 1.81 -39.13 -15.85
N SER C 228 0.95 -39.80 -15.07
CA SER C 228 0.59 -41.18 -15.39
C SER C 228 -0.32 -41.23 -16.62
N ASP C 229 -1.41 -40.47 -16.61
CA ASP C 229 -2.35 -40.45 -17.72
C ASP C 229 -1.75 -39.69 -18.89
N TYR C 230 -1.43 -40.42 -19.98
CA TYR C 230 -0.87 -39.78 -21.16
C TYR C 230 -1.93 -39.15 -22.05
N ASN C 231 -3.20 -39.52 -21.88
CA ASN C 231 -4.24 -38.97 -22.74
C ASN C 231 -4.55 -37.52 -22.40
N ARG C 232 -4.45 -37.15 -21.12
CA ARG C 232 -4.68 -35.79 -20.68
C ARG C 232 -3.38 -35.05 -20.39
N LEU C 233 -2.27 -35.45 -21.01
CA LEU C 233 -1.00 -34.78 -20.78
C LEU C 233 -0.80 -33.59 -21.73
N GLN C 234 -1.40 -33.65 -22.92
CA GLN C 234 -1.26 -32.54 -23.86
C GLN C 234 -1.93 -31.28 -23.32
N GLU C 235 -3.13 -31.41 -22.75
CA GLU C 235 -3.79 -30.26 -22.14
C GLU C 235 -3.01 -29.75 -20.92
N ALA C 236 -2.36 -30.65 -20.19
CA ALA C 236 -1.53 -30.22 -19.07
C ALA C 236 -0.33 -29.40 -19.55
N LEU C 237 0.32 -29.85 -20.63
CA LEU C 237 1.42 -29.09 -21.21
C LEU C 237 0.95 -27.74 -21.73
N ASN C 238 -0.23 -27.71 -22.35
CA ASN C 238 -0.77 -26.44 -22.84
C ASN C 238 -1.07 -25.49 -21.70
N ASP C 239 -1.62 -26.01 -20.59
CA ASP C 239 -1.89 -25.17 -19.43
C ASP C 239 -0.58 -24.65 -18.82
N PHE C 240 0.43 -25.51 -18.74
CA PHE C 240 1.73 -25.08 -18.22
C PHE C 240 2.34 -24.00 -19.10
N LYS C 241 2.20 -24.13 -20.42
CA LYS C 241 2.73 -23.12 -21.33
C LYS C 241 1.97 -21.81 -21.20
N SER C 242 0.65 -21.88 -21.02
CA SER C 242 -0.14 -20.67 -20.84
C SER C 242 0.17 -19.98 -19.52
N ILE C 243 0.47 -20.75 -18.47
CA ILE C 243 0.81 -20.16 -17.18
C ILE C 243 2.21 -19.56 -17.21
N TRP C 244 3.17 -20.27 -17.82
CA TRP C 244 4.53 -19.76 -17.87
C TRP C 244 4.64 -18.51 -18.74
N ASN C 245 3.90 -18.47 -19.85
CA ASN C 245 3.90 -17.33 -20.75
C ASN C 245 2.75 -16.37 -20.48
N ASN C 246 2.30 -16.28 -19.23
CA ASN C 246 1.20 -15.38 -18.89
C ASN C 246 1.68 -13.92 -18.96
N ARG C 247 0.70 -13.01 -18.93
CA ARG C 247 1.01 -11.58 -19.05
C ARG C 247 1.67 -11.05 -17.78
N TRP C 248 1.16 -11.45 -16.61
CA TRP C 248 1.65 -10.92 -15.35
C TRP C 248 2.44 -11.93 -14.54
N LEU C 249 2.61 -13.16 -15.03
CA LEU C 249 3.37 -14.19 -14.35
C LEU C 249 4.80 -14.29 -14.86
N ARG C 250 5.33 -13.20 -15.46
CA ARG C 250 6.69 -13.21 -15.97
C ARG C 250 7.74 -13.09 -14.86
N THR C 251 7.34 -12.72 -13.65
CA THR C 251 8.26 -12.60 -12.52
C THR C 251 7.98 -13.63 -11.44
N ILE C 252 7.10 -14.60 -11.70
CA ILE C 252 6.73 -15.62 -10.73
C ILE C 252 7.25 -16.97 -11.21
N SER C 253 7.86 -17.73 -10.31
CA SER C 253 8.45 -19.02 -10.64
C SER C 253 7.40 -20.12 -10.50
N VAL C 254 7.31 -20.98 -11.51
CA VAL C 254 6.37 -22.09 -11.53
C VAL C 254 7.14 -23.37 -11.23
N ILE C 255 6.79 -24.04 -10.14
CA ILE C 255 7.41 -25.28 -9.72
C ILE C 255 6.53 -26.43 -10.16
N LEU C 256 7.07 -27.32 -10.98
CA LEU C 256 6.33 -28.46 -11.48
C LEU C 256 6.33 -29.60 -10.47
N PHE C 257 5.18 -30.24 -10.31
CA PHE C 257 5.03 -31.41 -9.44
C PHE C 257 4.35 -32.52 -10.23
N LEU C 258 5.14 -33.50 -10.68
CA LEU C 258 4.62 -34.65 -11.41
C LEU C 258 4.12 -35.67 -10.39
N ASN C 259 2.82 -35.65 -10.13
CA ASN C 259 2.24 -36.53 -9.13
C ASN C 259 2.03 -37.93 -9.69
N LYS C 260 1.77 -38.87 -8.78
CA LYS C 260 1.50 -40.27 -9.12
C LYS C 260 2.68 -40.88 -9.87
N GLN C 261 3.83 -40.89 -9.19
CA GLN C 261 5.04 -41.49 -9.78
C GLN C 261 4.93 -43.01 -9.81
N ASP C 262 4.30 -43.60 -8.80
CA ASP C 262 4.15 -45.05 -8.77
C ASP C 262 3.28 -45.54 -9.93
N LEU C 263 2.18 -44.83 -10.20
CA LEU C 263 1.35 -45.19 -11.34
C LEU C 263 2.08 -44.96 -12.65
N LEU C 264 2.91 -43.91 -12.71
CA LEU C 264 3.70 -43.65 -13.91
C LEU C 264 4.69 -44.79 -14.17
N ALA C 265 5.26 -45.34 -13.09
CA ALA C 265 6.20 -46.46 -13.26
C ALA C 265 5.45 -47.75 -13.59
N GLU C 266 4.26 -47.93 -13.03
CA GLU C 266 3.50 -49.15 -13.32
C GLU C 266 2.96 -49.16 -14.74
N LYS C 267 2.61 -47.99 -15.29
CA LYS C 267 2.12 -47.92 -16.67
C LYS C 267 3.24 -48.06 -17.70
N VAL C 268 4.49 -48.15 -17.26
CA VAL C 268 5.61 -48.34 -18.17
C VAL C 268 6.26 -49.72 -18.00
N LEU C 269 6.47 -50.15 -16.74
CA LEU C 269 7.06 -51.46 -16.52
C LEU C 269 6.12 -52.59 -16.91
N ALA C 270 4.82 -52.39 -16.75
CA ALA C 270 3.84 -53.40 -17.11
C ALA C 270 3.21 -53.11 -18.47
N SER C 273 -0.43 -48.36 -21.25
CA SER C 273 -0.48 -47.28 -22.24
C SER C 273 0.91 -46.97 -22.78
N LYS C 274 0.99 -46.81 -24.10
CA LYS C 274 2.25 -46.51 -24.78
C LYS C 274 2.36 -45.02 -25.06
N ILE C 275 3.57 -44.49 -24.97
CA ILE C 275 3.79 -43.07 -25.23
C ILE C 275 3.82 -42.76 -26.72
N GLU C 276 4.16 -43.74 -27.56
CA GLU C 276 4.22 -43.50 -29.00
C GLU C 276 2.85 -43.19 -29.57
N ASP C 277 1.77 -43.64 -28.92
CA ASP C 277 0.43 -43.38 -29.41
C ASP C 277 -0.01 -41.94 -29.14
N TYR C 278 0.70 -41.21 -28.28
CA TYR C 278 0.37 -39.83 -27.95
C TYR C 278 1.48 -38.85 -28.31
N PHE C 279 2.74 -39.23 -28.13
CA PHE C 279 3.87 -38.37 -28.44
C PHE C 279 4.79 -39.07 -29.43
N PRO C 280 4.86 -38.63 -30.69
CA PRO C 280 5.75 -39.28 -31.65
C PRO C 280 7.22 -38.98 -31.43
N GLU C 281 7.55 -37.98 -30.63
CA GLU C 281 8.93 -37.59 -30.38
C GLU C 281 9.59 -38.44 -29.30
N PHE C 282 8.96 -39.53 -28.87
CA PHE C 282 9.53 -40.39 -27.84
C PHE C 282 10.49 -41.44 -28.40
N ALA C 283 10.31 -41.81 -29.68
CA ALA C 283 11.17 -42.82 -30.27
C ALA C 283 12.59 -42.30 -30.50
N ARG C 284 12.73 -41.02 -30.84
CA ARG C 284 14.03 -40.42 -31.07
C ARG C 284 14.70 -39.92 -29.79
N TYR C 285 14.00 -39.94 -28.66
CA TYR C 285 14.53 -39.48 -27.40
C TYR C 285 14.88 -40.67 -26.51
N THR C 286 16.04 -40.62 -25.88
CA THR C 286 16.51 -41.66 -24.97
C THR C 286 16.95 -41.02 -23.67
N THR C 287 17.35 -41.87 -22.72
CA THR C 287 17.79 -41.37 -21.42
C THR C 287 19.17 -40.72 -21.55
N PRO C 288 19.40 -39.60 -20.87
CA PRO C 288 20.72 -38.96 -20.95
C PRO C 288 21.80 -39.81 -20.29
N GLU C 289 22.99 -39.78 -20.87
CA GLU C 289 24.11 -40.54 -20.32
C GLU C 289 24.83 -39.80 -19.21
N ASP C 290 24.69 -38.48 -19.14
CA ASP C 290 25.33 -37.67 -18.11
C ASP C 290 24.45 -37.43 -16.90
N ALA C 291 23.32 -38.14 -16.80
CA ALA C 291 22.40 -37.97 -15.68
C ALA C 291 22.70 -39.01 -14.60
N THR C 292 21.88 -39.00 -13.55
CA THR C 292 22.03 -39.92 -12.42
C THR C 292 20.68 -40.59 -12.15
N PRO C 293 20.49 -41.83 -12.64
CA PRO C 293 19.24 -42.58 -12.43
C PRO C 293 18.93 -42.83 -10.96
N TYR C 306 12.25 -39.23 -18.23
CA TYR C 306 12.81 -37.90 -18.44
C TYR C 306 12.19 -37.23 -19.66
N PHE C 307 11.30 -37.95 -20.35
CA PHE C 307 10.65 -37.39 -21.53
C PHE C 307 9.69 -36.26 -21.15
N ILE C 308 8.86 -36.49 -20.15
CA ILE C 308 7.92 -35.46 -19.70
C ILE C 308 8.67 -34.28 -19.11
N ARG C 309 9.71 -34.57 -18.32
CA ARG C 309 10.53 -33.49 -17.77
C ARG C 309 11.22 -32.70 -18.87
N LYS C 310 11.67 -33.38 -19.94
CA LYS C 310 12.28 -32.67 -21.06
C LYS C 310 11.26 -31.78 -21.76
N GLU C 311 10.06 -32.32 -22.01
CA GLU C 311 9.02 -31.52 -22.65
C GLU C 311 8.60 -30.33 -21.80
N PHE C 312 8.69 -30.45 -20.47
CA PHE C 312 8.38 -29.32 -19.60
C PHE C 312 9.49 -28.28 -19.57
N VAL C 313 10.75 -28.72 -19.44
CA VAL C 313 11.85 -27.76 -19.41
C VAL C 313 12.08 -27.11 -20.76
N ASP C 314 11.61 -27.73 -21.85
CA ASP C 314 11.70 -27.09 -23.16
C ASP C 314 10.86 -25.81 -23.20
N ILE C 315 9.68 -25.85 -22.59
CA ILE C 315 8.85 -24.65 -22.53
C ILE C 315 9.31 -23.74 -21.39
N SER C 316 9.87 -24.32 -20.32
CA SER C 316 10.32 -23.51 -19.19
C SER C 316 11.50 -22.62 -19.58
N THR C 317 12.52 -23.21 -20.22
CA THR C 317 13.70 -22.43 -20.59
C THR C 317 13.40 -21.45 -21.71
N ALA C 318 12.47 -21.78 -22.60
CA ALA C 318 12.11 -20.89 -23.70
C ALA C 318 11.28 -19.71 -23.22
N HIS C 324 13.04 -16.23 -14.02
CA HIS C 324 12.52 -17.32 -13.22
C HIS C 324 12.69 -18.66 -13.94
N ILE C 325 12.97 -19.70 -13.18
CA ILE C 325 13.16 -21.04 -13.72
C ILE C 325 12.20 -22.01 -13.04
N CYS C 326 11.97 -23.14 -13.68
CA CYS C 326 11.10 -24.17 -13.15
C CYS C 326 11.87 -25.14 -12.27
N TYR C 327 11.13 -25.96 -11.52
CA TYR C 327 11.72 -26.96 -10.63
C TYR C 327 10.91 -28.25 -10.74
N PRO C 328 11.16 -29.05 -11.78
CA PRO C 328 10.46 -30.33 -11.90
C PRO C 328 10.91 -31.31 -10.83
N HIS C 329 9.95 -31.98 -10.21
CA HIS C 329 10.23 -32.97 -9.18
C HIS C 329 9.28 -34.16 -9.34
N PHE C 330 9.73 -35.32 -8.87
CA PHE C 330 8.96 -36.55 -8.92
C PHE C 330 8.55 -36.94 -7.50
N THR C 331 7.24 -37.12 -7.31
CA THR C 331 6.70 -37.47 -5.99
C THR C 331 5.58 -38.47 -6.16
N CYS C 332 5.33 -39.24 -5.11
CA CYS C 332 4.27 -40.24 -5.09
C CYS C 332 3.10 -39.75 -4.25
N SER C 333 2.10 -40.60 -4.10
CA SER C 333 0.91 -40.27 -3.32
C SER C 333 1.08 -40.49 -1.83
N VAL C 334 2.20 -41.08 -1.40
CA VAL C 334 2.44 -41.35 0.01
C VAL C 334 3.79 -40.77 0.41
N ASP C 335 4.54 -40.27 -0.58
CA ASP C 335 5.85 -39.71 -0.31
C ASP C 335 5.72 -38.41 0.49
N THR C 336 6.46 -38.33 1.59
CA THR C 336 6.45 -37.15 2.46
C THR C 336 7.55 -36.15 2.11
N GLU C 337 8.12 -36.24 0.91
CA GLU C 337 9.18 -35.34 0.52
C GLU C 337 8.67 -33.97 0.08
N ASN C 338 7.37 -33.85 -0.21
CA ASN C 338 6.83 -32.57 -0.65
C ASN C 338 6.97 -31.49 0.42
N ALA C 339 7.03 -31.89 1.69
CA ALA C 339 7.22 -30.92 2.77
C ALA C 339 8.63 -30.34 2.78
N ARG C 340 9.59 -31.01 2.12
CA ARG C 340 10.98 -30.55 2.08
C ARG C 340 11.37 -29.95 0.74
N ARG C 341 10.86 -30.52 -0.37
CA ARG C 341 11.23 -30.01 -1.69
C ARG C 341 10.91 -28.53 -1.84
N ILE C 342 9.79 -28.08 -1.25
CA ILE C 342 9.47 -26.66 -1.27
C ILE C 342 10.60 -25.85 -0.64
N PHE C 343 11.05 -26.27 0.55
CA PHE C 343 12.19 -25.61 1.19
C PHE C 343 13.45 -25.74 0.36
N ASN C 344 13.53 -26.79 -0.47
CA ASN C 344 14.68 -26.95 -1.36
C ASN C 344 14.60 -26.03 -2.56
N ASP C 345 13.43 -25.44 -2.83
CA ASP C 345 13.23 -24.55 -3.97
C ASP C 345 13.09 -23.09 -3.57
N CYS C 346 12.19 -22.80 -2.63
CA CYS C 346 11.95 -21.42 -2.23
C CYS C 346 13.22 -20.77 -1.67
N LYS C 347 13.99 -21.54 -0.89
CA LYS C 347 15.26 -21.02 -0.37
C LYS C 347 16.15 -20.49 -1.47
N ASP C 348 16.06 -21.06 -2.67
CA ASP C 348 16.73 -20.52 -3.84
C ASP C 348 15.95 -19.39 -4.48
N ILE C 349 14.62 -19.56 -4.61
CA ILE C 349 13.79 -18.56 -5.29
C ILE C 349 13.90 -17.22 -4.56
N ILE C 350 13.64 -17.23 -3.25
CA ILE C 350 13.81 -16.02 -2.45
C ILE C 350 15.23 -15.51 -2.57
N LEU C 351 16.20 -16.41 -2.68
CA LEU C 351 17.59 -16.00 -2.87
C LEU C 351 17.72 -15.15 -4.13
N GLN C 352 17.07 -15.55 -5.22
CA GLN C 352 17.07 -14.73 -6.43
C GLN C 352 16.47 -13.35 -6.15
N MET C 353 15.43 -13.29 -5.33
CA MET C 353 14.91 -12.00 -4.91
C MET C 353 15.97 -11.20 -4.15
N ASN C 354 16.74 -11.87 -3.30
CA ASN C 354 17.85 -11.21 -2.63
C ASN C 354 18.92 -10.76 -3.62
N LEU C 355 18.97 -11.37 -4.80
CA LEU C 355 19.88 -10.92 -5.84
C LEU C 355 19.28 -9.79 -6.67
N ARG C 356 17.97 -9.58 -6.60
CA ARG C 356 17.30 -8.50 -7.33
C ARG C 356 17.03 -7.28 -6.46
N GLU C 357 16.67 -7.47 -5.20
CA GLU C 357 16.46 -6.34 -4.31
C GLU C 357 17.78 -5.67 -3.96
N TYR C 358 18.83 -6.46 -3.74
CA TYR C 358 20.16 -5.94 -3.47
C TYR C 358 20.96 -5.65 -4.73
N ASN C 359 20.38 -5.89 -5.91
CA ASN C 359 21.02 -5.62 -7.20
C ASN C 359 22.34 -6.38 -7.33
N LEU C 360 22.24 -7.71 -7.31
CA LEU C 360 23.40 -8.59 -7.39
C LEU C 360 23.36 -9.50 -8.61
N VAL C 361 22.18 -9.94 -9.04
CA VAL C 361 22.07 -10.83 -10.19
C VAL C 361 22.46 -10.11 -11.47
N GLU D 6 -34.16 -28.56 -33.88
CA GLU D 6 -34.44 -27.15 -33.71
C GLU D 6 -33.14 -26.38 -33.43
N LEU D 7 -32.17 -26.52 -34.33
CA LEU D 7 -30.87 -25.88 -34.18
C LEU D 7 -30.58 -24.87 -35.28
N ASP D 8 -30.72 -25.26 -36.54
CA ASP D 8 -30.36 -24.36 -37.64
C ASP D 8 -31.33 -23.19 -37.75
N GLN D 9 -32.61 -23.42 -37.50
CA GLN D 9 -33.58 -22.34 -37.62
C GLN D 9 -33.37 -21.27 -36.55
N LEU D 10 -33.09 -21.69 -35.31
CA LEU D 10 -32.82 -20.71 -34.26
C LEU D 10 -31.53 -19.95 -34.53
N ARG D 11 -30.52 -20.63 -35.06
CA ARG D 11 -29.26 -19.95 -35.39
C ARG D 11 -29.45 -18.93 -36.49
N GLN D 12 -30.18 -19.29 -37.55
CA GLN D 12 -30.40 -18.32 -38.63
C GLN D 12 -31.29 -17.19 -38.19
N GLU D 13 -32.25 -17.44 -37.29
CA GLU D 13 -33.07 -16.36 -36.76
C GLU D 13 -32.23 -15.41 -35.91
N ALA D 14 -31.31 -15.95 -35.10
CA ALA D 14 -30.43 -15.11 -34.31
C ALA D 14 -29.51 -14.28 -35.21
N GLU D 15 -29.01 -14.89 -36.29
CA GLU D 15 -28.17 -14.15 -37.23
C GLU D 15 -28.96 -13.05 -37.93
N GLN D 16 -30.21 -13.32 -38.29
CA GLN D 16 -31.05 -12.30 -38.91
C GLN D 16 -31.33 -11.15 -37.94
N LEU D 17 -31.56 -11.47 -36.67
CA LEU D 17 -31.78 -10.43 -35.68
C LEU D 17 -30.51 -9.61 -35.45
N LYS D 18 -29.35 -10.26 -35.47
CA LYS D 18 -28.09 -9.54 -35.34
C LYS D 18 -27.88 -8.59 -36.52
N ASN D 19 -28.15 -9.06 -37.73
CA ASN D 19 -28.04 -8.19 -38.91
C ASN D 19 -29.04 -7.03 -38.83
N GLN D 20 -30.24 -7.30 -38.34
CA GLN D 20 -31.24 -6.23 -38.19
C GLN D 20 -30.76 -5.17 -37.20
N ILE D 21 -30.24 -5.61 -36.05
CA ILE D 21 -29.74 -4.67 -35.06
C ILE D 21 -28.56 -3.88 -35.62
N ARG D 22 -27.70 -4.54 -36.39
CA ARG D 22 -26.53 -3.86 -36.93
C ARG D 22 -26.94 -2.80 -37.95
N ASP D 23 -27.87 -3.12 -38.86
CA ASP D 23 -28.30 -2.12 -39.82
C ASP D 23 -29.08 -1.00 -39.17
N ALA D 24 -29.85 -1.30 -38.11
CA ALA D 24 -30.53 -0.24 -37.38
C ALA D 24 -29.53 0.69 -36.71
N ARG D 25 -28.47 0.14 -36.13
CA ARG D 25 -27.46 0.97 -35.49
C ARG D 25 -26.71 1.81 -36.50
N LYS D 26 -26.37 1.24 -37.66
CA LYS D 26 -25.65 2.01 -38.67
C LYS D 26 -26.56 3.03 -39.36
N ALA D 27 -27.87 2.83 -39.35
CA ALA D 27 -28.78 3.82 -39.91
C ALA D 27 -29.06 4.95 -38.93
N CYS D 28 -29.18 4.62 -37.64
CA CYS D 28 -29.40 5.66 -36.63
C CYS D 28 -28.16 6.51 -36.37
N ALA D 29 -27.01 6.13 -36.93
CA ALA D 29 -25.77 6.90 -36.76
C ALA D 29 -25.85 8.12 -37.68
N ASP D 30 -26.47 9.19 -37.16
CA ASP D 30 -26.63 10.41 -37.94
C ASP D 30 -25.31 11.17 -38.04
N ALA D 31 -24.74 11.55 -36.89
CA ALA D 31 -23.50 12.31 -36.87
C ALA D 31 -22.75 11.99 -35.59
N THR D 32 -21.50 11.57 -35.73
CA THR D 32 -20.69 11.23 -34.56
C THR D 32 -20.35 12.49 -33.76
N LEU D 33 -20.22 12.31 -32.45
CA LEU D 33 -19.94 13.44 -31.57
C LEU D 33 -18.51 13.93 -31.73
N SER D 34 -17.60 13.07 -32.19
CA SER D 34 -16.20 13.45 -32.31
C SER D 34 -16.01 14.59 -33.32
N GLN D 35 -16.80 14.58 -34.40
CA GLN D 35 -16.73 15.65 -35.39
C GLN D 35 -17.63 16.83 -35.04
N ILE D 36 -18.65 16.61 -34.20
CA ILE D 36 -19.50 17.71 -33.78
C ILE D 36 -18.80 18.59 -32.74
N THR D 37 -17.95 17.98 -31.91
CA THR D 37 -17.26 18.71 -30.85
C THR D 37 -16.04 19.49 -31.35
N ASN D 38 -15.92 19.73 -32.66
CA ASN D 38 -14.81 20.49 -33.20
C ASN D 38 -14.93 21.98 -32.95
N ASN D 39 -16.02 22.45 -32.34
CA ASN D 39 -16.24 23.87 -32.10
C ASN D 39 -16.17 24.26 -30.63
N ILE D 40 -16.43 23.33 -29.71
CA ILE D 40 -16.41 23.66 -28.29
C ILE D 40 -14.96 23.82 -27.83
N ASP D 41 -14.71 24.84 -27.02
CA ASP D 41 -13.38 25.09 -26.50
C ASP D 41 -13.12 24.23 -25.28
N PRO D 42 -12.16 23.31 -25.31
CA PRO D 42 -11.88 22.46 -24.15
C PRO D 42 -11.13 23.24 -23.08
N VAL D 43 -10.82 22.56 -21.99
CA VAL D 43 -10.11 23.20 -20.88
C VAL D 43 -8.61 23.27 -21.17
N GLY D 44 -8.06 22.29 -21.88
CA GLY D 44 -6.65 22.30 -22.21
C GLY D 44 -5.85 21.24 -21.47
N ARG D 45 -4.89 21.67 -20.66
CA ARG D 45 -4.00 20.78 -19.92
C ARG D 45 -4.35 20.83 -18.44
N ILE D 46 -4.73 19.69 -17.88
CA ILE D 46 -5.09 19.57 -16.48
C ILE D 46 -3.89 19.07 -15.70
N GLN D 47 -3.55 19.79 -14.63
CA GLN D 47 -2.42 19.44 -13.77
C GLN D 47 -2.95 19.20 -12.36
N MET D 48 -3.12 17.92 -12.00
CA MET D 48 -3.61 17.55 -10.69
C MET D 48 -2.44 17.24 -9.76
N ARG D 49 -2.54 17.72 -8.52
CA ARG D 49 -1.52 17.52 -7.51
C ARG D 49 -2.12 16.77 -6.33
N THR D 50 -1.36 15.81 -5.79
CA THR D 50 -1.81 15.00 -4.67
C THR D 50 -1.84 15.86 -3.41
N ARG D 51 -3.03 16.11 -2.88
CA ARG D 51 -3.16 16.90 -1.66
C ARG D 51 -2.68 16.11 -0.44
N ARG D 52 -3.29 14.95 -0.21
CA ARG D 52 -2.93 14.09 0.92
C ARG D 52 -2.53 12.72 0.42
N THR D 53 -1.60 12.09 1.15
CA THR D 53 -1.09 10.78 0.79
C THR D 53 -1.39 9.78 1.91
N LEU D 54 -1.62 8.53 1.52
CA LEU D 54 -1.93 7.44 2.46
C LEU D 54 -0.96 6.30 2.20
N ARG D 55 -0.02 6.10 3.11
CA ARG D 55 1.02 5.08 2.97
C ARG D 55 0.94 4.05 4.10
N GLY D 56 -0.27 3.60 4.42
CA GLY D 56 -0.45 2.64 5.50
C GLY D 56 -0.79 1.24 5.03
N HIS D 57 -1.15 1.09 3.77
CA HIS D 57 -1.51 -0.22 3.25
C HIS D 57 -0.29 -1.14 3.17
N LEU D 58 -0.57 -2.44 3.21
CA LEU D 58 0.46 -3.47 3.14
C LEU D 58 0.51 -4.15 1.79
N ALA D 59 -0.62 -4.70 1.33
CA ALA D 59 -0.66 -5.43 0.07
C ALA D 59 -1.20 -4.53 -1.03
N LYS D 60 -1.42 -5.11 -2.21
CA LYS D 60 -1.89 -4.33 -3.36
C LYS D 60 -3.33 -3.89 -3.15
N ILE D 61 -3.55 -2.57 -3.17
CA ILE D 61 -4.90 -2.03 -3.08
C ILE D 61 -5.65 -2.38 -4.36
N TYR D 62 -6.85 -2.95 -4.21
CA TYR D 62 -7.58 -3.47 -5.36
C TYR D 62 -8.91 -2.78 -5.62
N ALA D 63 -9.51 -2.12 -4.63
CA ALA D 63 -10.80 -1.48 -4.85
C ALA D 63 -10.97 -0.34 -3.86
N MET D 64 -11.90 0.56 -4.18
CA MET D 64 -12.21 1.70 -3.32
C MET D 64 -13.59 2.21 -3.68
N HIS D 65 -14.17 2.99 -2.77
CA HIS D 65 -15.50 3.55 -2.97
C HIS D 65 -15.69 4.71 -2.02
N TRP D 66 -16.73 5.50 -2.29
CA TRP D 66 -17.08 6.65 -1.46
C TRP D 66 -18.50 6.51 -0.93
N GLY D 67 -18.77 7.16 0.19
CA GLY D 67 -20.06 7.14 0.83
C GLY D 67 -20.89 8.36 0.52
N THR D 68 -21.72 8.76 1.47
CA THR D 68 -22.55 9.94 1.31
C THR D 68 -21.69 11.20 1.27
N ASP D 69 -20.97 11.47 2.35
CA ASP D 69 -20.08 12.62 2.41
C ASP D 69 -18.74 12.29 1.76
N SER D 70 -18.10 13.32 1.23
CA SER D 70 -16.80 13.17 0.56
C SER D 70 -15.65 13.32 1.54
N ARG D 71 -15.69 12.56 2.62
CA ARG D 71 -14.64 12.59 3.64
C ARG D 71 -14.10 11.21 3.98
N LEU D 72 -14.96 10.20 4.02
CA LEU D 72 -14.53 8.84 4.32
C LEU D 72 -14.23 8.09 3.02
N LEU D 73 -13.11 7.38 3.01
CA LEU D 73 -12.65 6.66 1.82
C LEU D 73 -12.33 5.23 2.21
N VAL D 74 -13.14 4.28 1.73
CA VAL D 74 -12.93 2.87 2.00
C VAL D 74 -12.07 2.28 0.90
N SER D 75 -11.18 1.36 1.28
CA SER D 75 -10.30 0.71 0.32
C SER D 75 -10.04 -0.73 0.79
N ALA D 76 -9.79 -1.60 -0.18
CA ALA D 76 -9.57 -3.02 0.07
C ALA D 76 -8.16 -3.41 -0.35
N SER D 77 -7.50 -4.20 0.50
CA SER D 77 -6.15 -4.66 0.22
C SER D 77 -6.13 -6.18 0.08
N GLN D 78 -5.06 -6.68 -0.54
CA GLN D 78 -4.95 -8.11 -0.84
C GLN D 78 -4.58 -8.95 0.37
N ASP D 79 -4.37 -8.35 1.53
CA ASP D 79 -4.09 -9.08 2.76
C ASP D 79 -5.33 -9.24 3.64
N GLY D 80 -6.52 -9.05 3.06
CA GLY D 80 -7.75 -9.14 3.82
C GLY D 80 -7.96 -7.99 4.77
N LYS D 81 -7.88 -6.77 4.24
CA LYS D 81 -8.00 -5.56 5.05
C LYS D 81 -8.89 -4.54 4.35
N LEU D 82 -9.92 -4.09 5.05
CA LEU D 82 -10.75 -2.98 4.63
C LEU D 82 -10.37 -1.77 5.48
N ILE D 83 -9.70 -0.79 4.86
CA ILE D 83 -9.22 0.39 5.57
C ILE D 83 -10.04 1.58 5.11
N ILE D 84 -10.69 2.26 6.06
CA ILE D 84 -11.47 3.45 5.79
C ILE D 84 -10.71 4.63 6.38
N TRP D 85 -10.20 5.49 5.51
CA TRP D 85 -9.42 6.66 5.87
C TRP D 85 -10.29 7.91 5.87
N ASP D 86 -9.77 8.95 6.52
CA ASP D 86 -10.36 10.28 6.49
C ASP D 86 -9.59 11.10 5.45
N SER D 87 -10.27 11.49 4.38
CA SER D 87 -9.60 12.16 3.27
C SER D 87 -9.18 13.58 3.64
N TYR D 88 -9.85 14.20 4.62
CA TYR D 88 -9.55 15.58 4.95
C TYR D 88 -8.42 15.67 5.98
N THR D 89 -8.55 14.98 7.11
CA THR D 89 -7.58 15.05 8.19
C THR D 89 -6.43 14.06 8.01
N THR D 90 -6.48 13.20 6.99
CA THR D 90 -5.45 12.20 6.72
C THR D 90 -5.22 11.31 7.94
N ASN D 91 -6.29 10.62 8.34
CA ASN D 91 -6.26 9.74 9.49
C ASN D 91 -6.99 8.45 9.16
N LYS D 92 -6.67 7.40 9.91
CA LYS D 92 -7.31 6.10 9.76
C LYS D 92 -8.56 6.06 10.64
N VAL D 93 -9.72 5.88 10.00
CA VAL D 93 -10.99 5.88 10.71
C VAL D 93 -11.35 4.46 11.12
N HIS D 94 -11.40 3.55 10.14
CA HIS D 94 -11.84 2.19 10.39
C HIS D 94 -10.84 1.18 9.83
N ALA D 95 -10.69 0.06 10.53
CA ALA D 95 -9.84 -1.04 10.09
C ALA D 95 -10.59 -2.35 10.29
N ILE D 96 -10.82 -3.08 9.21
CA ILE D 96 -11.59 -4.32 9.25
C ILE D 96 -10.72 -5.47 8.75
N PRO D 97 -10.30 -6.39 9.63
CA PRO D 97 -9.56 -7.57 9.17
C PRO D 97 -10.51 -8.58 8.53
N LEU D 98 -10.30 -8.86 7.25
CA LEU D 98 -11.15 -9.78 6.52
C LEU D 98 -10.66 -11.21 6.66
N ARG D 99 -11.62 -12.14 6.69
CA ARG D 99 -11.26 -13.56 6.76
C ARG D 99 -10.68 -14.04 5.44
N SER D 100 -11.07 -13.44 4.32
CA SER D 100 -10.54 -13.78 3.00
C SER D 100 -9.43 -12.80 2.66
N SER D 101 -8.23 -13.32 2.38
CA SER D 101 -7.09 -12.46 2.11
C SER D 101 -7.25 -11.74 0.77
N TRP D 102 -7.37 -12.50 -0.31
CA TRP D 102 -7.44 -11.92 -1.65
C TRP D 102 -8.85 -11.43 -1.92
N VAL D 103 -9.02 -10.12 -2.02
CA VAL D 103 -10.31 -9.51 -2.33
C VAL D 103 -10.15 -8.60 -3.53
N MET D 104 -11.27 -8.32 -4.19
CA MET D 104 -11.26 -7.52 -5.41
C MET D 104 -12.33 -6.44 -5.45
N THR D 105 -13.20 -6.37 -4.45
CA THR D 105 -14.29 -5.40 -4.48
C THR D 105 -14.59 -4.91 -3.06
N CYS D 106 -15.04 -3.66 -2.98
CA CYS D 106 -15.49 -3.07 -1.72
C CYS D 106 -16.34 -1.85 -2.05
N ALA D 107 -17.44 -1.71 -1.34
CA ALA D 107 -18.40 -0.64 -1.58
C ALA D 107 -18.79 0.02 -0.26
N TYR D 108 -19.47 1.15 -0.37
CA TYR D 108 -19.95 1.91 0.77
C TYR D 108 -21.44 2.16 0.60
N ALA D 109 -22.20 1.95 1.67
CA ALA D 109 -23.64 2.15 1.60
C ALA D 109 -23.96 3.61 1.35
N PRO D 110 -25.09 3.91 0.69
CA PRO D 110 -25.45 5.31 0.45
C PRO D 110 -25.79 6.09 1.70
N SER D 111 -25.96 5.43 2.85
CA SER D 111 -26.19 6.09 4.12
C SER D 111 -24.94 6.19 4.97
N GLY D 112 -23.83 5.62 4.52
CA GLY D 112 -22.59 5.68 5.28
C GLY D 112 -22.57 4.80 6.51
N ASN D 113 -23.26 3.68 6.48
CA ASN D 113 -23.35 2.78 7.62
C ASN D 113 -22.88 1.36 7.35
N TYR D 114 -22.93 0.90 6.10
CA TYR D 114 -22.57 -0.47 5.75
C TYR D 114 -21.48 -0.47 4.70
N VAL D 115 -20.61 -1.49 4.77
CA VAL D 115 -19.55 -1.69 3.79
C VAL D 115 -19.63 -3.13 3.29
N ALA D 116 -19.03 -3.37 2.12
CA ALA D 116 -19.04 -4.68 1.50
C ALA D 116 -17.62 -5.10 1.15
N CYS D 117 -17.43 -6.41 1.02
CA CYS D 117 -16.17 -6.95 0.53
C CYS D 117 -16.42 -8.30 -0.11
N GLY D 118 -15.55 -8.66 -1.04
CA GLY D 118 -15.68 -9.93 -1.74
C GLY D 118 -14.48 -10.16 -2.64
N GLY D 119 -14.38 -11.39 -3.13
CA GLY D 119 -13.28 -11.75 -3.99
C GLY D 119 -13.25 -13.23 -4.35
N LEU D 120 -12.08 -13.86 -4.24
CA LEU D 120 -11.93 -15.26 -4.57
C LEU D 120 -12.67 -16.19 -3.60
N ASP D 121 -13.16 -15.67 -2.48
CA ASP D 121 -13.88 -16.48 -1.51
C ASP D 121 -15.29 -16.84 -1.96
N ASN D 122 -15.78 -16.22 -3.03
CA ASN D 122 -17.13 -16.46 -3.57
C ASN D 122 -18.22 -16.18 -2.55
N ILE D 123 -17.92 -15.43 -1.50
CA ILE D 123 -18.87 -15.08 -0.46
C ILE D 123 -18.74 -13.58 -0.19
N CYS D 124 -19.82 -12.84 -0.38
CA CYS D 124 -19.83 -11.40 -0.16
C CYS D 124 -20.11 -11.12 1.31
N SER D 125 -19.17 -10.47 1.99
CA SER D 125 -19.30 -10.15 3.40
C SER D 125 -19.72 -8.69 3.53
N ILE D 126 -20.87 -8.47 4.17
CA ILE D 126 -21.41 -7.16 4.44
C ILE D 126 -21.21 -6.85 5.91
N TYR D 127 -20.46 -5.79 6.20
CA TYR D 127 -20.18 -5.37 7.56
C TYR D 127 -20.93 -4.08 7.88
N ASN D 128 -21.29 -3.92 9.15
CA ASN D 128 -21.98 -2.73 9.63
C ASN D 128 -21.03 -1.87 10.45
N LEU D 129 -21.09 -0.57 10.24
CA LEU D 129 -20.20 0.37 10.93
C LEU D 129 -20.86 1.07 12.11
N LYS D 130 -22.19 1.07 12.18
CA LYS D 130 -22.93 1.73 13.26
C LYS D 130 -23.32 0.74 14.37
N THR D 131 -22.54 -0.31 14.56
CA THR D 131 -22.84 -1.28 15.61
C THR D 131 -22.54 -0.69 16.98
N ARG D 132 -23.34 -1.11 17.97
CA ARG D 132 -23.15 -0.65 19.33
C ARG D 132 -21.93 -1.25 20.00
N GLU D 133 -21.34 -2.30 19.42
CA GLU D 133 -20.16 -2.94 19.99
C GLU D 133 -18.87 -2.17 19.69
N GLY D 134 -18.94 -1.08 18.95
CA GLY D 134 -17.76 -0.31 18.61
C GLY D 134 -16.95 -0.91 17.49
N ASN D 135 -16.44 -2.12 17.69
CA ASN D 135 -15.69 -2.80 16.65
C ASN D 135 -16.59 -3.27 15.53
N VAL D 136 -15.99 -3.58 14.39
CA VAL D 136 -16.72 -4.03 13.21
C VAL D 136 -16.90 -5.54 13.29
N ARG D 137 -18.15 -5.99 13.22
CA ARG D 137 -18.48 -7.41 13.27
C ARG D 137 -19.09 -7.83 11.94
N VAL D 138 -19.15 -9.15 11.74
CA VAL D 138 -19.73 -9.72 10.53
C VAL D 138 -21.25 -9.60 10.62
N SER D 139 -21.85 -8.89 9.68
CA SER D 139 -23.29 -8.67 9.67
C SER D 139 -24.03 -9.59 8.71
N ARG D 140 -23.52 -9.76 7.48
CA ARG D 140 -24.19 -10.59 6.49
C ARG D 140 -23.15 -11.34 5.67
N GLU D 141 -23.47 -12.59 5.31
CA GLU D 141 -22.60 -13.44 4.50
C GLU D 141 -23.42 -13.99 3.34
N LEU D 142 -23.41 -13.28 2.22
CA LEU D 142 -24.13 -13.71 1.02
C LEU D 142 -23.30 -14.77 0.29
N ALA D 143 -23.80 -15.99 0.26
CA ALA D 143 -23.10 -17.11 -0.38
C ALA D 143 -24.05 -17.85 -1.31
N GLY D 144 -23.47 -18.53 -2.29
CA GLY D 144 -24.24 -19.28 -3.26
C GLY D 144 -23.69 -19.22 -4.66
N HIS D 145 -22.68 -18.38 -4.87
CA HIS D 145 -22.06 -18.24 -6.18
C HIS D 145 -20.93 -19.25 -6.35
N THR D 146 -20.61 -19.54 -7.62
CA THR D 146 -19.53 -20.45 -7.98
C THR D 146 -18.43 -19.73 -8.76
N GLY D 147 -18.23 -18.44 -8.48
CA GLY D 147 -17.20 -17.68 -9.17
C GLY D 147 -16.71 -16.55 -8.30
N TYR D 148 -15.54 -16.02 -8.68
CA TYR D 148 -14.93 -14.95 -7.92
C TYR D 148 -15.73 -13.66 -8.06
N LEU D 149 -15.84 -12.92 -6.96
CA LEU D 149 -16.59 -11.66 -6.95
C LEU D 149 -15.71 -10.56 -7.50
N SER D 150 -16.19 -9.89 -8.55
CA SER D 150 -15.44 -8.83 -9.21
C SER D 150 -15.78 -7.45 -8.71
N CYS D 151 -17.06 -7.10 -8.64
CA CYS D 151 -17.49 -5.79 -8.18
C CYS D 151 -18.82 -5.90 -7.46
N CYS D 152 -19.10 -4.90 -6.62
CA CYS D 152 -20.34 -4.84 -5.87
C CYS D 152 -20.63 -3.39 -5.52
N ARG D 153 -21.90 -3.01 -5.59
CA ARG D 153 -22.33 -1.65 -5.30
C ARG D 153 -23.64 -1.68 -4.54
N PHE D 154 -23.80 -0.79 -3.58
CA PHE D 154 -25.01 -0.71 -2.78
C PHE D 154 -26.07 0.12 -3.48
N LEU D 155 -27.27 -0.43 -3.61
CA LEU D 155 -28.41 0.32 -4.14
C LEU D 155 -29.13 1.10 -3.04
N ASP D 156 -29.27 0.50 -1.87
CA ASP D 156 -29.91 1.13 -0.72
C ASP D 156 -29.38 0.45 0.54
N ASP D 157 -30.05 0.71 1.67
CA ASP D 157 -29.63 0.15 2.94
C ASP D 157 -30.05 -1.30 3.12
N ASN D 158 -30.70 -1.91 2.13
CA ASN D 158 -31.19 -3.28 2.26
C ASN D 158 -30.92 -4.16 1.04
N GLN D 159 -30.46 -3.60 -0.07
CA GLN D 159 -30.19 -4.37 -1.27
C GLN D 159 -28.79 -4.04 -1.79
N ILE D 160 -28.21 -4.98 -2.53
CA ILE D 160 -26.87 -4.79 -3.08
C ILE D 160 -26.72 -5.69 -4.30
N VAL D 161 -26.14 -5.13 -5.37
CA VAL D 161 -25.88 -5.86 -6.60
C VAL D 161 -24.44 -6.37 -6.55
N THR D 162 -24.23 -7.58 -7.07
CA THR D 162 -22.92 -8.21 -7.09
C THR D 162 -22.69 -8.86 -8.44
N SER D 163 -21.42 -8.97 -8.82
CA SER D 163 -20.99 -9.63 -10.05
C SER D 163 -19.99 -10.71 -9.70
N SER D 164 -20.26 -11.93 -10.17
CA SER D 164 -19.43 -13.09 -9.88
C SER D 164 -18.69 -13.54 -11.14
N GLY D 165 -17.72 -14.44 -10.93
CA GLY D 165 -16.97 -15.02 -12.01
C GLY D 165 -17.68 -16.09 -12.81
N ASP D 166 -18.91 -16.44 -12.44
CA ASP D 166 -19.69 -17.43 -13.15
C ASP D 166 -20.57 -16.82 -14.24
N THR D 167 -20.17 -15.69 -14.80
CA THR D 167 -20.84 -14.99 -15.89
C THR D 167 -22.27 -14.55 -15.54
N THR D 168 -22.63 -14.55 -14.26
CA THR D 168 -23.97 -14.16 -13.83
C THR D 168 -23.88 -13.07 -12.77
N CYS D 169 -24.69 -12.03 -12.94
CA CYS D 169 -24.84 -11.00 -11.92
C CYS D 169 -26.04 -11.31 -11.05
N ALA D 170 -26.00 -10.83 -9.81
CA ALA D 170 -27.06 -11.10 -8.86
C ALA D 170 -27.41 -9.83 -8.09
N LEU D 171 -28.60 -9.83 -7.52
CA LEU D 171 -29.07 -8.73 -6.66
C LEU D 171 -29.59 -9.36 -5.37
N TRP D 172 -28.85 -9.16 -4.28
CA TRP D 172 -29.16 -9.74 -2.98
C TRP D 172 -29.85 -8.71 -2.09
N ASP D 173 -30.66 -9.22 -1.16
CA ASP D 173 -31.34 -8.42 -0.17
C ASP D 173 -30.72 -8.67 1.19
N ILE D 174 -30.37 -7.58 1.89
CA ILE D 174 -29.69 -7.71 3.17
C ILE D 174 -30.60 -8.34 4.21
N GLU D 175 -31.89 -8.03 4.17
CA GLU D 175 -32.83 -8.58 5.15
C GLU D 175 -32.99 -10.09 4.99
N THR D 176 -33.15 -10.55 3.75
CA THR D 176 -33.33 -11.99 3.51
C THR D 176 -31.99 -12.71 3.50
N GLY D 177 -31.10 -12.33 2.60
CA GLY D 177 -29.81 -12.96 2.49
C GLY D 177 -29.69 -14.05 1.44
N GLN D 178 -30.73 -14.28 0.65
CA GLN D 178 -30.74 -15.31 -0.39
C GLN D 178 -30.79 -14.64 -1.76
N GLN D 179 -30.91 -15.47 -2.80
CA GLN D 179 -30.95 -14.98 -4.17
C GLN D 179 -32.26 -14.25 -4.40
N THR D 180 -32.22 -12.92 -4.34
CA THR D 180 -33.43 -12.13 -4.57
C THR D 180 -33.69 -11.93 -6.06
N THR D 181 -32.66 -11.58 -6.82
CA THR D 181 -32.79 -11.42 -8.27
C THR D 181 -31.60 -12.07 -8.94
N THR D 182 -31.87 -12.96 -9.89
CA THR D 182 -30.84 -13.68 -10.64
C THR D 182 -31.00 -13.34 -12.12
N PHE D 183 -29.99 -12.66 -12.67
CA PHE D 183 -30.03 -12.25 -14.07
C PHE D 183 -29.53 -13.37 -14.97
N THR D 184 -29.76 -13.21 -16.27
CA THR D 184 -29.34 -14.20 -17.25
C THR D 184 -27.82 -14.19 -17.39
N GLY D 185 -27.24 -15.38 -17.51
CA GLY D 185 -25.80 -15.49 -17.61
C GLY D 185 -25.27 -14.93 -18.92
N HIS D 186 -24.03 -14.43 -18.87
CA HIS D 186 -23.36 -13.86 -20.02
C HIS D 186 -22.44 -14.89 -20.66
N THR D 187 -21.69 -14.46 -21.67
CA THR D 187 -20.70 -15.33 -22.29
C THR D 187 -19.40 -15.33 -21.50
N GLY D 188 -18.92 -14.14 -21.11
CA GLY D 188 -17.74 -14.00 -20.30
C GLY D 188 -18.07 -13.57 -18.87
N ASP D 189 -17.07 -13.68 -18.01
CA ASP D 189 -17.23 -13.31 -16.61
C ASP D 189 -17.24 -11.80 -16.45
N VAL D 190 -18.16 -11.30 -15.63
CA VAL D 190 -18.27 -9.88 -15.39
C VAL D 190 -17.10 -9.41 -14.55
N MET D 191 -16.56 -8.23 -14.89
CA MET D 191 -15.38 -7.70 -14.22
C MET D 191 -15.66 -6.45 -13.39
N SER D 192 -16.72 -5.71 -13.68
CA SER D 192 -17.00 -4.48 -12.95
C SER D 192 -18.48 -4.15 -13.04
N LEU D 193 -18.93 -3.32 -12.12
CA LEU D 193 -20.32 -2.87 -12.05
C LEU D 193 -20.35 -1.35 -11.93
N SER D 194 -21.53 -0.78 -12.18
CA SER D 194 -21.72 0.67 -12.09
C SER D 194 -23.21 0.95 -11.99
N LEU D 195 -23.62 1.64 -10.93
CA LEU D 195 -25.02 1.98 -10.71
C LEU D 195 -25.33 3.37 -11.24
N ALA D 196 -26.62 3.61 -11.51
CA ALA D 196 -27.18 4.84 -12.02
C ALA D 196 -27.69 5.72 -10.87
N PRO D 197 -27.75 7.03 -11.06
CA PRO D 197 -28.25 7.90 -9.98
C PRO D 197 -29.71 7.67 -9.63
N ASP D 198 -30.52 7.18 -10.57
CA ASP D 198 -31.92 6.89 -10.31
C ASP D 198 -32.14 5.45 -9.84
N THR D 199 -31.07 4.74 -9.48
CA THR D 199 -31.07 3.37 -8.95
C THR D 199 -32.11 2.47 -9.64
N ARG D 200 -32.22 2.58 -10.95
CA ARG D 200 -33.15 1.76 -11.72
C ARG D 200 -32.48 0.86 -12.74
N LEU D 201 -31.41 1.34 -13.39
CA LEU D 201 -30.69 0.57 -14.39
C LEU D 201 -29.22 0.50 -14.02
N PHE D 202 -28.53 -0.51 -14.55
CA PHE D 202 -27.10 -0.64 -14.36
C PHE D 202 -26.50 -1.44 -15.50
N VAL D 203 -25.38 -0.99 -16.02
CA VAL D 203 -24.69 -1.62 -17.14
C VAL D 203 -23.46 -2.34 -16.61
N SER D 204 -23.21 -3.55 -17.12
CA SER D 204 -22.09 -4.36 -16.70
C SER D 204 -21.42 -4.99 -17.91
N GLY D 205 -20.09 -4.95 -17.92
CA GLY D 205 -19.31 -5.55 -18.99
C GLY D 205 -18.74 -6.89 -18.56
N ALA D 206 -18.77 -7.85 -19.48
CA ALA D 206 -18.30 -9.20 -19.22
C ALA D 206 -16.83 -9.32 -19.63
N CYS D 207 -16.28 -10.54 -19.55
CA CYS D 207 -14.90 -10.75 -19.94
C CYS D 207 -14.71 -10.60 -21.44
N ASP D 208 -15.70 -10.98 -22.22
CA ASP D 208 -15.63 -10.83 -23.68
C ASP D 208 -16.20 -9.46 -24.07
N ALA D 209 -16.35 -9.23 -25.37
CA ALA D 209 -16.91 -7.98 -25.87
C ALA D 209 -18.43 -8.06 -25.77
N SER D 210 -18.93 -7.83 -24.55
CA SER D 210 -20.37 -7.88 -24.30
C SER D 210 -20.67 -7.05 -23.07
N ALA D 211 -21.31 -5.89 -23.26
CA ALA D 211 -21.74 -5.03 -22.17
C ALA D 211 -23.26 -4.98 -22.18
N LYS D 212 -23.87 -5.48 -21.10
CA LYS D 212 -25.32 -5.62 -21.02
C LYS D 212 -25.89 -4.69 -19.96
N LEU D 213 -27.05 -4.11 -20.26
CA LEU D 213 -27.78 -3.25 -19.33
C LEU D 213 -28.92 -4.04 -18.70
N TRP D 214 -29.05 -3.96 -17.38
CA TRP D 214 -30.07 -4.67 -16.65
C TRP D 214 -30.83 -3.71 -15.75
N ASP D 215 -32.02 -4.15 -15.32
CA ASP D 215 -32.87 -3.37 -14.46
C ASP D 215 -32.76 -3.86 -13.01
N VAL D 216 -33.49 -3.21 -12.12
CA VAL D 216 -33.49 -3.57 -10.70
C VAL D 216 -34.77 -4.25 -10.26
N ARG D 217 -35.81 -4.28 -11.10
CA ARG D 217 -37.06 -4.94 -10.75
C ARG D 217 -37.07 -6.40 -11.22
N GLU D 218 -36.90 -6.61 -12.51
CA GLU D 218 -36.87 -7.96 -13.08
C GLU D 218 -35.52 -8.22 -13.71
N GLY D 219 -35.24 -9.50 -13.95
CA GLY D 219 -33.98 -9.91 -14.54
C GLY D 219 -34.03 -9.99 -16.06
N MET D 220 -34.27 -8.86 -16.71
CA MET D 220 -34.34 -8.80 -18.17
C MET D 220 -33.36 -7.75 -18.68
N CYS D 221 -32.64 -8.09 -19.75
CA CYS D 221 -31.67 -7.19 -20.35
C CYS D 221 -32.33 -6.36 -21.43
N ARG D 222 -31.96 -5.08 -21.48
CA ARG D 222 -32.52 -4.14 -22.45
C ARG D 222 -31.56 -3.85 -23.61
N GLN D 223 -30.30 -3.57 -23.30
CA GLN D 223 -29.31 -3.22 -24.33
C GLN D 223 -28.07 -4.09 -24.16
N THR D 224 -27.46 -4.46 -25.28
CA THR D 224 -26.23 -5.23 -25.29
C THR D 224 -25.27 -4.62 -26.30
N PHE D 225 -24.06 -4.32 -25.84
CA PHE D 225 -23.03 -3.70 -26.66
C PHE D 225 -21.90 -4.69 -26.87
N THR D 226 -21.65 -5.06 -28.13
CA THR D 226 -20.64 -6.04 -28.48
C THR D 226 -19.50 -5.43 -29.30
N GLY D 227 -19.35 -4.11 -29.27
CA GLY D 227 -18.29 -3.46 -30.03
C GLY D 227 -17.02 -3.24 -29.23
N HIS D 228 -16.07 -4.15 -29.37
CA HIS D 228 -14.78 -4.05 -28.69
C HIS D 228 -13.80 -4.99 -29.38
N GLU D 229 -12.57 -5.02 -28.87
CA GLU D 229 -11.54 -5.88 -29.42
C GLU D 229 -10.69 -6.57 -28.36
N SER D 230 -10.98 -6.39 -27.08
CA SER D 230 -10.22 -7.04 -26.02
C SER D 230 -11.15 -7.29 -24.85
N ASP D 231 -10.58 -7.59 -23.68
CA ASP D 231 -11.35 -7.93 -22.50
C ASP D 231 -11.64 -6.68 -21.68
N ILE D 232 -12.92 -6.41 -21.44
CA ILE D 232 -13.33 -5.23 -20.67
C ILE D 232 -13.08 -5.49 -19.20
N ASN D 233 -12.38 -4.56 -18.54
CA ASN D 233 -12.07 -4.68 -17.12
C ASN D 233 -12.62 -3.54 -16.27
N ALA D 234 -13.14 -2.48 -16.88
CA ALA D 234 -13.64 -1.34 -16.13
C ALA D 234 -14.91 -0.80 -16.78
N ILE D 235 -15.70 -0.10 -15.98
CA ILE D 235 -16.95 0.49 -16.46
C ILE D 235 -17.36 1.58 -15.47
N CYS D 236 -18.16 2.53 -15.95
CA CYS D 236 -18.66 3.61 -15.11
C CYS D 236 -19.91 4.19 -15.76
N PHE D 237 -20.72 4.86 -14.94
CA PHE D 237 -21.98 5.43 -15.38
C PHE D 237 -21.88 6.95 -15.41
N PHE D 238 -22.62 7.56 -16.35
CA PHE D 238 -22.64 9.00 -16.46
C PHE D 238 -23.49 9.60 -15.34
N PRO D 239 -23.14 10.80 -14.87
CA PRO D 239 -23.93 11.42 -13.78
C PRO D 239 -25.39 11.62 -14.12
N ASN D 240 -25.76 11.69 -15.39
CA ASN D 240 -27.15 11.85 -15.78
C ASN D 240 -27.88 10.53 -16.00
N GLY D 241 -27.14 9.42 -16.13
CA GLY D 241 -27.76 8.13 -16.33
C GLY D 241 -28.14 7.83 -17.76
N ASN D 242 -27.45 8.43 -18.73
CA ASN D 242 -27.75 8.21 -20.14
C ASN D 242 -26.55 7.71 -20.94
N ALA D 243 -25.36 7.70 -20.38
CA ALA D 243 -24.17 7.22 -21.07
C ALA D 243 -23.32 6.40 -20.11
N PHE D 244 -22.33 5.70 -20.67
CA PHE D 244 -21.43 4.88 -19.87
C PHE D 244 -20.18 4.57 -20.67
N ALA D 245 -19.03 4.62 -20.02
CA ALA D 245 -17.75 4.34 -20.65
C ALA D 245 -17.20 3.01 -20.16
N THR D 246 -16.67 2.23 -21.09
CA THR D 246 -16.07 0.93 -20.80
C THR D 246 -14.61 0.95 -21.22
N GLY D 247 -13.76 0.42 -20.33
CA GLY D 247 -12.33 0.30 -20.59
C GLY D 247 -11.94 -1.16 -20.71
N SER D 248 -11.13 -1.48 -21.71
CA SER D 248 -10.70 -2.84 -21.98
C SER D 248 -9.18 -2.88 -22.09
N ASP D 249 -8.65 -4.06 -22.41
CA ASP D 249 -7.22 -4.28 -22.46
C ASP D 249 -6.58 -3.76 -23.75
N ASP D 250 -7.31 -3.03 -24.58
CA ASP D 250 -6.78 -2.46 -25.81
C ASP D 250 -6.35 -1.01 -25.64
N ALA D 251 -6.33 -0.50 -24.41
CA ALA D 251 -5.90 0.86 -24.08
C ALA D 251 -6.78 1.92 -24.74
N THR D 252 -7.97 1.55 -25.20
CA THR D 252 -8.90 2.48 -25.83
C THR D 252 -10.24 2.36 -25.13
N CYS D 253 -10.70 3.45 -24.52
CA CYS D 253 -12.00 3.46 -23.87
C CYS D 253 -13.10 3.72 -24.90
N ARG D 254 -14.29 3.20 -24.62
CA ARG D 254 -15.42 3.36 -25.52
C ARG D 254 -16.62 3.85 -24.72
N LEU D 255 -17.12 5.04 -25.06
CA LEU D 255 -18.25 5.66 -24.38
C LEU D 255 -19.49 5.45 -25.23
N PHE D 256 -20.41 4.63 -24.74
CA PHE D 256 -21.70 4.39 -25.37
C PHE D 256 -22.79 5.15 -24.62
N ASP D 257 -24.00 5.14 -25.18
CA ASP D 257 -25.16 5.76 -24.57
C ASP D 257 -26.31 4.76 -24.52
N LEU D 258 -27.27 5.04 -23.64
CA LEU D 258 -28.44 4.19 -23.46
C LEU D 258 -29.64 4.64 -24.27
N ARG D 259 -29.58 5.82 -24.89
CA ARG D 259 -30.70 6.34 -25.66
C ARG D 259 -30.64 5.94 -27.14
N ALA D 260 -29.47 5.55 -27.65
CA ALA D 260 -29.33 5.15 -29.03
C ALA D 260 -28.81 3.74 -29.23
N ASP D 261 -28.21 3.14 -28.19
CA ASP D 261 -27.69 1.77 -28.25
C ASP D 261 -26.65 1.62 -29.35
N GLN D 262 -25.59 2.43 -29.24
CA GLN D 262 -24.48 2.40 -30.18
C GLN D 262 -23.31 3.15 -29.56
N GLU D 263 -22.18 3.15 -30.27
CA GLU D 263 -20.95 3.76 -29.78
C GLU D 263 -20.92 5.23 -30.13
N LEU D 264 -20.64 6.06 -29.11
CA LEU D 264 -20.56 7.51 -29.31
C LEU D 264 -19.12 7.99 -29.38
N MET D 265 -18.31 7.71 -28.36
CA MET D 265 -16.96 8.23 -28.28
C MET D 265 -15.96 7.10 -28.18
N THR D 266 -14.78 7.31 -28.76
CA THR D 266 -13.70 6.33 -28.76
C THR D 266 -12.40 7.03 -28.36
N TYR D 267 -11.99 6.86 -27.11
CA TYR D 267 -10.74 7.41 -26.62
C TYR D 267 -9.60 6.45 -26.96
N SER D 268 -8.69 6.89 -27.82
CA SER D 268 -7.60 6.03 -28.28
C SER D 268 -6.32 6.84 -28.37
N HIS D 269 -5.19 6.14 -28.26
CA HIS D 269 -3.88 6.75 -28.40
C HIS D 269 -2.90 5.71 -28.89
N ASP D 270 -1.81 6.18 -29.49
CA ASP D 270 -0.83 5.28 -30.11
C ASP D 270 0.26 4.85 -29.16
N ASN D 271 0.64 5.69 -28.20
CA ASN D 271 1.75 5.37 -27.30
C ASN D 271 1.33 4.54 -26.10
N ILE D 272 0.07 4.11 -26.03
CA ILE D 272 -0.44 3.32 -24.92
C ILE D 272 -0.91 1.98 -25.46
N ILE D 273 -0.33 0.90 -24.95
CA ILE D 273 -0.68 -0.45 -25.39
C ILE D 273 -0.97 -1.33 -24.18
N CYS D 274 -1.00 -0.73 -22.99
CA CYS D 274 -1.24 -1.46 -21.77
C CYS D 274 -2.74 -1.62 -21.53
N GLY D 275 -3.10 -2.22 -20.39
CA GLY D 275 -4.48 -2.47 -20.06
C GLY D 275 -5.10 -1.36 -19.23
N ILE D 276 -6.41 -1.48 -19.03
CA ILE D 276 -7.19 -0.52 -18.26
C ILE D 276 -7.81 -1.24 -17.07
N THR D 277 -7.72 -0.63 -15.89
CA THR D 277 -8.20 -1.24 -14.66
C THR D 277 -9.46 -0.58 -14.11
N SER D 278 -9.48 0.75 -14.02
CA SER D 278 -10.62 1.46 -13.45
C SER D 278 -10.94 2.69 -14.30
N VAL D 279 -12.24 3.00 -14.37
CA VAL D 279 -12.74 4.15 -15.11
C VAL D 279 -13.80 4.84 -14.25
N SER D 280 -13.71 6.15 -14.13
CA SER D 280 -14.66 6.90 -13.32
C SER D 280 -14.86 8.29 -13.92
N PHE D 281 -16.11 8.75 -13.92
CA PHE D 281 -16.45 10.07 -14.41
C PHE D 281 -16.40 11.10 -13.28
N SER D 282 -16.34 12.37 -13.67
CA SER D 282 -16.34 13.47 -12.72
C SER D 282 -17.78 13.80 -12.32
N LYS D 283 -17.96 14.92 -11.61
CA LYS D 283 -19.30 15.33 -11.22
C LYS D 283 -20.11 15.81 -12.42
N SER D 284 -19.50 16.60 -13.29
CA SER D 284 -20.16 17.11 -14.48
C SER D 284 -20.02 16.19 -15.68
N GLY D 285 -19.19 15.15 -15.59
CA GLY D 285 -18.97 14.26 -16.70
C GLY D 285 -18.01 14.77 -17.76
N ARG D 286 -17.28 15.86 -17.48
CA ARG D 286 -16.34 16.41 -18.44
C ARG D 286 -15.03 15.63 -18.44
N LEU D 287 -14.34 15.61 -17.31
CA LEU D 287 -13.04 14.95 -17.18
C LEU D 287 -13.28 13.48 -16.83
N LEU D 288 -12.92 12.59 -17.75
CA LEU D 288 -13.04 11.15 -17.53
C LEU D 288 -11.68 10.60 -17.12
N LEU D 289 -11.61 10.06 -15.90
CA LEU D 289 -10.36 9.54 -15.34
C LEU D 289 -10.29 8.03 -15.55
N ALA D 290 -9.17 7.56 -16.09
CA ALA D 290 -8.96 6.15 -16.35
C ALA D 290 -7.60 5.72 -15.82
N GLY D 291 -7.54 4.46 -15.39
CA GLY D 291 -6.32 3.89 -14.87
C GLY D 291 -5.67 2.90 -15.81
N TYR D 292 -4.49 3.24 -16.31
CA TYR D 292 -3.76 2.39 -17.23
C TYR D 292 -2.61 1.69 -16.51
N ASP D 293 -2.09 0.64 -17.15
CA ASP D 293 -1.01 -0.16 -16.60
C ASP D 293 0.37 0.41 -16.93
N ASP D 294 0.44 1.66 -17.37
CA ASP D 294 1.70 2.32 -17.67
C ASP D 294 2.22 3.15 -16.50
N PHE D 295 1.89 2.75 -15.26
CA PHE D 295 2.30 3.41 -14.04
C PHE D 295 1.74 4.82 -13.89
N ASN D 296 0.84 5.23 -14.79
CA ASN D 296 0.26 6.57 -14.76
C ASN D 296 -1.25 6.48 -14.89
N CYS D 297 -1.92 7.59 -14.62
CA CYS D 297 -3.36 7.72 -14.75
C CYS D 297 -3.67 8.78 -15.80
N ASN D 298 -4.71 8.54 -16.59
CA ASN D 298 -5.08 9.45 -17.66
C ASN D 298 -6.38 10.17 -17.31
N VAL D 299 -6.50 11.41 -17.79
CA VAL D 299 -7.70 12.22 -17.63
C VAL D 299 -8.04 12.77 -19.01
N TRP D 300 -9.00 12.16 -19.68
CA TRP D 300 -9.44 12.56 -21.01
C TRP D 300 -10.63 13.50 -20.93
N ASP D 301 -10.94 14.13 -22.06
CA ASP D 301 -12.11 14.97 -22.21
C ASP D 301 -13.23 14.15 -22.84
N ALA D 302 -14.41 14.18 -22.22
CA ALA D 302 -15.53 13.38 -22.71
C ALA D 302 -16.03 13.83 -24.07
N LEU D 303 -15.66 15.03 -24.51
CA LEU D 303 -16.09 15.55 -25.81
C LEU D 303 -14.95 15.68 -26.82
N LYS D 304 -13.74 16.01 -26.37
CA LYS D 304 -12.60 16.13 -27.27
C LYS D 304 -11.86 14.83 -27.47
N ALA D 305 -11.89 13.94 -26.47
CA ALA D 305 -11.20 12.65 -26.53
C ALA D 305 -9.71 12.82 -26.80
N ASP D 306 -9.09 13.78 -26.12
CA ASP D 306 -7.68 14.07 -26.26
C ASP D 306 -6.99 14.01 -24.91
N ARG D 307 -5.66 14.09 -24.94
CA ARG D 307 -4.87 14.07 -23.71
C ARG D 307 -5.03 15.40 -22.98
N ALA D 308 -5.60 15.34 -21.77
CA ALA D 308 -5.81 16.53 -20.96
C ALA D 308 -5.05 16.50 -19.65
N GLY D 309 -5.04 15.37 -18.94
CA GLY D 309 -4.32 15.28 -17.69
C GLY D 309 -3.54 13.99 -17.52
N VAL D 310 -2.30 14.10 -17.03
CA VAL D 310 -1.45 12.95 -16.78
C VAL D 310 -1.08 12.93 -15.30
N LEU D 311 -1.27 11.78 -14.65
CA LEU D 311 -0.98 11.60 -13.24
C LEU D 311 0.15 10.59 -13.12
N ALA D 312 1.37 11.07 -12.95
CA ALA D 312 2.56 10.23 -12.83
C ALA D 312 3.04 10.16 -11.38
N GLY D 313 2.12 10.16 -10.43
CA GLY D 313 2.48 10.10 -9.03
C GLY D 313 2.80 8.69 -8.55
N HIS D 314 2.04 7.72 -9.02
CA HIS D 314 2.25 6.34 -8.62
C HIS D 314 3.46 5.75 -9.35
N ASP D 315 3.89 4.57 -8.89
CA ASP D 315 5.02 3.87 -9.47
C ASP D 315 4.70 2.45 -9.91
N ASN D 316 3.52 1.93 -9.57
CA ASN D 316 3.11 0.59 -9.95
C ASN D 316 1.84 0.68 -10.80
N ARG D 317 1.29 -0.49 -11.13
CA ARG D 317 0.08 -0.55 -11.95
C ARG D 317 -1.09 0.07 -11.20
N VAL D 318 -1.70 1.10 -11.80
CA VAL D 318 -2.88 1.73 -11.21
C VAL D 318 -4.02 0.72 -11.20
N SER D 319 -4.51 0.39 -10.01
CA SER D 319 -5.51 -0.66 -9.85
C SER D 319 -6.93 -0.15 -9.75
N CYS D 320 -7.15 0.98 -9.08
CA CYS D 320 -8.50 1.49 -8.90
C CYS D 320 -8.47 3.01 -8.74
N LEU D 321 -9.57 3.65 -9.10
CA LEU D 321 -9.70 5.10 -8.94
C LEU D 321 -11.18 5.45 -8.86
N GLY D 322 -11.47 6.53 -8.14
CA GLY D 322 -12.85 6.96 -7.96
C GLY D 322 -13.00 8.42 -7.61
N VAL D 323 -14.00 9.07 -8.22
CA VAL D 323 -14.30 10.47 -7.98
C VAL D 323 -15.43 10.56 -6.97
N THR D 324 -15.36 11.56 -6.09
CA THR D 324 -16.38 11.75 -5.07
C THR D 324 -17.71 12.15 -5.70
N ASP D 325 -18.76 12.17 -4.87
CA ASP D 325 -20.08 12.54 -5.37
C ASP D 325 -20.15 14.01 -5.74
N ASP D 326 -19.35 14.85 -5.09
CA ASP D 326 -19.31 16.28 -5.39
C ASP D 326 -18.10 16.68 -6.24
N GLY D 327 -17.28 15.72 -6.64
CA GLY D 327 -16.12 16.03 -7.46
C GLY D 327 -15.07 16.86 -6.78
N MET D 328 -15.01 16.86 -5.45
CA MET D 328 -14.03 17.66 -4.74
C MET D 328 -12.62 17.09 -4.91
N ALA D 329 -12.49 15.77 -4.89
CA ALA D 329 -11.19 15.13 -5.03
C ALA D 329 -11.40 13.74 -5.63
N VAL D 330 -10.29 13.15 -6.09
CA VAL D 330 -10.31 11.83 -6.73
C VAL D 330 -9.30 10.95 -6.02
N ALA D 331 -9.75 9.78 -5.57
CA ALA D 331 -8.88 8.82 -4.91
C ALA D 331 -8.34 7.83 -5.93
N THR D 332 -7.09 7.42 -5.75
CA THR D 332 -6.44 6.49 -6.66
C THR D 332 -5.55 5.54 -5.88
N GLY D 333 -5.73 4.25 -6.10
CA GLY D 333 -4.92 3.24 -5.45
C GLY D 333 -4.28 2.31 -6.46
N SER D 334 -3.00 2.03 -6.25
CA SER D 334 -2.22 1.17 -7.11
C SER D 334 -1.72 -0.04 -6.32
N TRP D 335 -0.89 -0.85 -6.97
CA TRP D 335 -0.32 -2.03 -6.32
C TRP D 335 0.83 -1.70 -5.37
N ASP D 336 1.21 -0.42 -5.27
CA ASP D 336 2.27 0.01 -4.37
C ASP D 336 1.75 0.28 -2.95
N SER D 337 0.53 -0.13 -2.65
CA SER D 337 -0.08 0.04 -1.33
C SER D 337 -0.13 1.52 -0.93
N PHE D 338 -0.33 2.40 -1.91
CA PHE D 338 -0.35 3.84 -1.69
C PHE D 338 -1.64 4.41 -2.26
N LEU D 339 -2.38 5.13 -1.42
CA LEU D 339 -3.58 5.84 -1.85
C LEU D 339 -3.24 7.32 -2.02
N LYS D 340 -3.58 7.86 -3.18
CA LYS D 340 -3.31 9.27 -3.50
C LYS D 340 -4.62 9.99 -3.75
N ILE D 341 -4.75 11.17 -3.17
CA ILE D 341 -5.96 11.99 -3.28
C ILE D 341 -5.62 13.20 -4.12
N TRP D 342 -5.94 13.13 -5.41
CA TRP D 342 -5.66 14.22 -6.33
C TRP D 342 -6.84 15.20 -6.35
N ASN D 343 -6.56 16.41 -6.81
CA ASN D 343 -7.57 17.46 -6.89
C ASN D 343 -7.38 18.28 -8.16
N VAL E 1 -23.84 -4.10 25.57
CA VAL E 1 -23.38 -2.83 26.12
C VAL E 1 -23.85 -2.67 27.56
N GLN E 2 -22.92 -2.78 28.50
CA GLN E 2 -23.22 -2.65 29.91
C GLN E 2 -21.96 -2.30 30.67
N LEU E 3 -22.07 -1.35 31.59
CA LEU E 3 -20.95 -0.90 32.43
C LEU E 3 -21.34 -1.08 33.89
N VAL E 4 -20.69 -2.00 34.57
CA VAL E 4 -20.96 -2.29 35.97
C VAL E 4 -19.88 -1.63 36.81
N GLU E 5 -20.27 -0.69 37.65
CA GLU E 5 -19.35 0.03 38.52
C GLU E 5 -19.45 -0.50 39.95
N SER E 6 -18.32 -0.46 40.65
CA SER E 6 -18.26 -0.93 42.03
C SER E 6 -17.19 -0.14 42.78
N GLY E 7 -17.34 -0.10 44.09
CA GLY E 7 -16.43 0.61 44.96
C GLY E 7 -17.02 1.79 45.71
N GLY E 8 -18.34 1.92 45.76
CA GLY E 8 -18.97 3.03 46.46
C GLY E 8 -19.18 2.74 47.94
N GLY E 9 -19.65 3.77 48.65
CA GLY E 9 -19.93 3.69 50.07
C GLY E 9 -19.37 4.91 50.78
N LEU E 10 -19.18 4.77 52.08
CA LEU E 10 -18.63 5.83 52.91
C LEU E 10 -17.16 5.56 53.21
N VAL E 11 -16.39 6.65 53.34
CA VAL E 11 -14.96 6.55 53.62
C VAL E 11 -14.55 7.81 54.39
N GLN E 12 -13.40 7.72 55.05
CA GLN E 12 -12.88 8.85 55.80
C GLN E 12 -11.90 9.65 54.95
N PRO E 13 -11.87 10.97 55.12
CA PRO E 13 -10.94 11.78 54.33
C PRO E 13 -9.49 11.47 54.69
N GLY E 14 -8.65 11.41 53.66
CA GLY E 14 -7.25 11.12 53.83
C GLY E 14 -6.83 9.72 53.42
N GLY E 15 -7.79 8.80 53.24
CA GLY E 15 -7.49 7.44 52.85
C GLY E 15 -7.34 7.27 51.36
N SER E 16 -7.70 6.08 50.87
CA SER E 16 -7.60 5.76 49.46
C SER E 16 -8.82 4.93 49.06
N ARG E 17 -9.31 5.17 47.85
CA ARG E 17 -10.46 4.44 47.33
C ARG E 17 -10.22 4.09 45.86
N LYS E 18 -10.40 2.82 45.52
CA LYS E 18 -10.18 2.32 44.17
C LYS E 18 -11.51 1.83 43.61
N LEU E 19 -12.10 2.63 42.72
CA LEU E 19 -13.34 2.24 42.04
C LEU E 19 -13.02 1.40 40.81
N SER E 20 -13.84 0.39 40.57
CA SER E 20 -13.67 -0.51 39.45
C SER E 20 -14.86 -0.42 38.51
N CYS E 21 -14.59 -0.59 37.22
CA CYS E 21 -15.63 -0.57 36.19
C CYS E 21 -15.39 -1.72 35.23
N SER E 22 -16.40 -2.56 35.04
CA SER E 22 -16.33 -3.71 34.15
C SER E 22 -17.24 -3.47 32.95
N ALA E 23 -16.71 -3.72 31.76
CA ALA E 23 -17.46 -3.58 30.52
C ALA E 23 -17.88 -4.94 29.99
N SER E 24 -19.09 -5.01 29.45
CA SER E 24 -19.62 -6.26 28.90
C SER E 24 -20.55 -5.92 27.74
N GLY E 25 -20.09 -6.15 26.53
CA GLY E 25 -20.91 -5.90 25.35
C GLY E 25 -20.16 -5.20 24.23
N PHE E 26 -18.89 -4.87 24.47
CA PHE E 26 -18.09 -4.19 23.47
C PHE E 26 -16.61 -4.38 23.81
N ALA E 27 -15.77 -4.08 22.82
CA ALA E 27 -14.32 -4.19 22.99
C ALA E 27 -13.82 -3.00 23.81
N PHE E 28 -13.45 -3.26 25.07
CA PHE E 28 -13.00 -2.19 25.95
C PHE E 28 -11.69 -1.58 25.49
N SER E 29 -10.87 -2.34 24.74
CA SER E 29 -9.57 -1.84 24.33
C SER E 29 -9.66 -0.74 23.27
N SER E 30 -10.81 -0.60 22.61
CA SER E 30 -11.00 0.38 21.55
C SER E 30 -12.04 1.43 21.91
N PHE E 31 -12.02 1.88 23.17
CA PHE E 31 -12.97 2.88 23.65
C PHE E 31 -12.28 3.84 24.62
N GLY E 32 -12.41 5.13 24.36
CA GLY E 32 -11.95 6.11 25.31
C GLY E 32 -12.90 6.21 26.50
N MET E 33 -12.33 6.24 27.69
CA MET E 33 -13.09 6.14 28.93
C MET E 33 -12.99 7.44 29.72
N HIS E 34 -14.13 7.94 30.19
CA HIS E 34 -14.20 9.17 30.96
C HIS E 34 -14.86 8.90 32.30
N TRP E 35 -14.19 9.30 33.38
CA TRP E 35 -14.77 9.29 34.71
C TRP E 35 -15.27 10.70 35.02
N VAL E 36 -16.56 10.82 35.30
CA VAL E 36 -17.22 12.11 35.52
C VAL E 36 -18.00 12.04 36.83
N ARG E 37 -17.79 13.02 37.70
CA ARG E 37 -18.49 13.08 38.97
C ARG E 37 -19.70 14.02 38.88
N GLN E 38 -20.66 13.80 39.78
CA GLN E 38 -21.84 14.64 39.89
C GLN E 38 -22.20 14.77 41.36
N ALA E 39 -22.18 15.99 41.87
CA ALA E 39 -22.53 16.24 43.26
C ALA E 39 -24.04 16.23 43.45
N PRO E 40 -24.52 15.86 44.63
CA PRO E 40 -25.98 15.86 44.86
C PRO E 40 -26.54 17.27 44.81
N GLU E 41 -27.69 17.40 44.15
CA GLU E 41 -28.35 18.69 43.94
C GLU E 41 -27.44 19.70 43.24
N LYS E 42 -26.53 19.20 42.40
CA LYS E 42 -25.60 20.04 41.65
C LYS E 42 -25.53 19.51 40.22
N GLY E 43 -24.57 20.02 39.45
CA GLY E 43 -24.38 19.63 38.08
C GLY E 43 -23.24 18.63 37.91
N LEU E 44 -23.06 18.21 36.66
CA LEU E 44 -22.00 17.28 36.33
C LEU E 44 -20.64 17.95 36.41
N GLU E 45 -19.59 17.13 36.50
CA GLU E 45 -18.22 17.63 36.59
C GLU E 45 -17.28 16.54 36.10
N TRP E 46 -16.65 16.78 34.96
CA TRP E 46 -15.71 15.80 34.42
C TRP E 46 -14.46 15.73 35.28
N VAL E 47 -14.00 14.50 35.54
CA VAL E 47 -12.85 14.24 36.40
C VAL E 47 -11.63 13.81 35.60
N ALA E 48 -11.73 12.69 34.89
CA ALA E 48 -10.58 12.13 34.20
C ALA E 48 -10.99 11.56 32.85
N TYR E 49 -10.01 11.49 31.95
CA TYR E 49 -10.20 10.93 30.62
C TYR E 49 -8.96 10.12 30.23
N ILE E 50 -9.18 8.97 29.61
CA ILE E 50 -8.11 8.11 29.15
C ILE E 50 -8.47 7.60 27.75
N SER E 51 -7.46 7.51 26.89
CA SER E 51 -7.67 7.05 25.52
C SER E 51 -7.37 5.55 25.44
N SER E 52 -7.40 5.01 24.22
CA SER E 52 -7.12 3.59 24.03
C SER E 52 -5.64 3.30 24.21
N GLY E 53 -5.35 2.18 24.86
CA GLY E 53 -3.97 1.79 25.10
C GLY E 53 -3.21 2.63 26.10
N SER E 54 -3.91 3.46 26.88
CA SER E 54 -3.30 4.32 27.89
C SER E 54 -2.23 5.22 27.28
N GLY E 55 -2.59 5.88 26.18
CA GLY E 55 -1.67 6.78 25.50
C GLY E 55 -1.70 8.19 26.06
N THR E 56 -2.88 8.78 26.13
CA THR E 56 -3.07 10.13 26.63
C THR E 56 -4.05 10.09 27.80
N ILE E 57 -3.61 10.56 28.95
CA ILE E 57 -4.43 10.57 30.17
C ILE E 57 -4.52 12.02 30.66
N TYR E 58 -5.74 12.54 30.72
CA TYR E 58 -5.97 13.91 31.16
C TYR E 58 -6.82 13.92 32.43
N TYR E 59 -6.58 14.92 33.28
CA TYR E 59 -7.31 15.09 34.52
C TYR E 59 -7.90 16.49 34.57
N ALA E 60 -8.82 16.69 35.51
CA ALA E 60 -9.43 18.00 35.69
C ALA E 60 -8.44 18.95 36.37
N ASP E 61 -8.74 20.25 36.25
CA ASP E 61 -7.85 21.25 36.82
C ASP E 61 -7.85 21.21 38.34
N THR E 62 -8.97 20.79 38.96
CA THR E 62 -9.07 20.76 40.41
C THR E 62 -8.52 19.48 41.03
N VAL E 63 -8.41 18.40 40.26
CA VAL E 63 -7.95 17.12 40.79
C VAL E 63 -6.75 16.63 39.99
N LYS E 64 -5.99 17.57 39.42
CA LYS E 64 -4.83 17.21 38.60
C LYS E 64 -3.71 16.67 39.49
N GLY E 65 -3.27 15.45 39.20
CA GLY E 65 -2.14 14.85 39.89
C GLY E 65 -2.50 13.99 41.08
N ARG E 66 -3.58 14.34 41.80
CA ARG E 66 -3.93 13.59 43.01
C ARG E 66 -4.55 12.24 42.69
N PHE E 67 -5.36 12.17 41.63
CA PHE E 67 -6.05 10.95 41.26
C PHE E 67 -5.33 10.26 40.11
N THR E 68 -5.54 8.94 40.00
CA THR E 68 -4.95 8.14 38.94
C THR E 68 -6.02 7.25 38.32
N ILE E 69 -5.84 6.92 37.04
CA ILE E 69 -6.78 6.09 36.32
C ILE E 69 -5.98 5.15 35.40
N SER E 70 -6.33 3.87 35.43
CA SER E 70 -5.65 2.87 34.61
C SER E 70 -6.68 1.92 34.02
N ARG E 71 -6.26 1.16 33.01
CA ARG E 71 -7.14 0.23 32.33
C ARG E 71 -6.39 -1.07 32.05
N ASP E 72 -7.13 -2.18 32.10
CA ASP E 72 -6.60 -3.51 31.82
C ASP E 72 -7.43 -4.11 30.69
N ASP E 73 -6.81 -4.32 29.54
CA ASP E 73 -7.46 -4.81 28.33
C ASP E 73 -7.69 -6.33 28.34
N PRO E 74 -6.73 -7.15 28.79
CA PRO E 74 -7.00 -8.61 28.83
C PRO E 74 -8.20 -9.00 29.65
N LYS E 75 -8.66 -8.15 30.58
CA LYS E 75 -9.83 -8.44 31.39
C LYS E 75 -10.94 -7.40 31.25
N ASN E 76 -10.74 -6.35 30.44
CA ASN E 76 -11.73 -5.30 30.22
C ASN E 76 -12.17 -4.67 31.55
N THR E 77 -11.21 -4.05 32.23
CA THR E 77 -11.47 -3.42 33.51
C THR E 77 -10.86 -2.02 33.54
N LEU E 78 -11.50 -1.13 34.29
CA LEU E 78 -11.05 0.25 34.43
C LEU E 78 -10.97 0.58 35.92
N PHE E 79 -9.78 0.94 36.39
CA PHE E 79 -9.55 1.27 37.79
C PHE E 79 -9.32 2.77 37.96
N LEU E 80 -9.93 3.33 38.99
CA LEU E 80 -9.78 4.74 39.33
C LEU E 80 -9.41 4.85 40.79
N GLN E 81 -8.17 5.28 41.07
CA GLN E 81 -7.66 5.40 42.43
C GLN E 81 -7.67 6.87 42.84
N MET E 82 -8.31 7.14 43.98
CA MET E 82 -8.41 8.50 44.51
C MET E 82 -7.93 8.50 45.95
N THR E 83 -6.98 9.37 46.25
CA THR E 83 -6.41 9.50 47.58
C THR E 83 -6.58 10.92 48.08
N SER E 84 -6.60 11.07 49.41
CA SER E 84 -6.74 12.37 50.07
C SER E 84 -8.00 13.10 49.59
N LEU E 85 -9.14 12.47 49.86
CA LEU E 85 -10.42 13.02 49.44
C LEU E 85 -10.81 14.21 50.32
N ARG E 86 -11.28 15.27 49.68
CA ARG E 86 -11.74 16.46 50.38
C ARG E 86 -13.24 16.34 50.67
N SER E 87 -13.85 17.43 51.11
CA SER E 87 -15.28 17.46 51.39
C SER E 87 -16.13 17.62 50.14
N GLU E 88 -15.53 17.67 48.96
CA GLU E 88 -16.25 17.81 47.71
C GLU E 88 -16.33 16.53 46.90
N ASP E 89 -15.40 15.60 47.10
CA ASP E 89 -15.38 14.36 46.33
C ASP E 89 -16.54 13.43 46.65
N THR E 90 -17.35 13.75 47.67
CA THR E 90 -18.53 12.94 47.98
C THR E 90 -19.61 13.17 46.92
N ALA E 91 -19.65 12.31 45.92
CA ALA E 91 -20.52 12.51 44.76
C ALA E 91 -20.79 11.15 44.10
N MET E 92 -21.55 11.18 43.01
CA MET E 92 -21.83 9.99 42.23
C MET E 92 -20.95 10.00 40.99
N TYR E 93 -20.16 8.95 40.81
CA TYR E 93 -19.23 8.85 39.70
C TYR E 93 -19.82 7.97 38.59
N TYR E 94 -19.58 8.37 37.35
CA TYR E 94 -20.08 7.66 36.17
C TYR E 94 -18.92 7.43 35.20
N CYS E 95 -19.00 6.33 34.48
CA CYS E 95 -18.03 5.96 33.46
C CYS E 95 -18.70 6.03 32.09
N VAL E 96 -18.09 6.79 31.18
CA VAL E 96 -18.64 7.05 29.86
C VAL E 96 -17.65 6.53 28.81
N ARG E 97 -18.19 5.92 27.76
CA ARG E 97 -17.39 5.44 26.64
C ARG E 97 -17.56 6.36 25.45
N SER E 98 -16.49 6.50 24.67
CA SER E 98 -16.52 7.37 23.49
C SER E 98 -15.35 7.04 22.58
N ILE E 99 -15.64 6.83 21.29
CA ILE E 99 -14.62 6.70 20.26
C ILE E 99 -14.62 7.99 19.45
N TYR E 100 -13.42 8.40 19.02
CA TYR E 100 -13.24 9.68 18.34
C TYR E 100 -12.88 9.43 16.88
N TYR E 101 -13.87 9.60 16.00
CA TYR E 101 -13.66 9.57 14.55
C TYR E 101 -14.82 10.29 13.88
N TYR E 102 -14.67 10.52 12.59
CA TYR E 102 -15.70 11.23 11.83
C TYR E 102 -16.94 10.36 11.71
N GLY E 103 -18.09 10.89 12.14
CA GLY E 103 -19.33 10.17 12.12
C GLY E 103 -19.67 9.44 13.41
N SER E 104 -18.78 9.46 14.40
CA SER E 104 -19.01 8.79 15.66
C SER E 104 -19.93 9.62 16.55
N SER E 105 -20.43 8.98 17.61
CA SER E 105 -21.29 9.62 18.62
C SER E 105 -20.59 9.51 19.97
N PRO E 106 -19.68 10.44 20.28
CA PRO E 106 -18.98 10.38 21.57
C PRO E 106 -19.93 10.60 22.73
N PHE E 107 -19.57 10.02 23.87
CA PHE E 107 -20.37 10.11 25.11
C PHE E 107 -21.79 9.60 24.90
N ASP E 108 -21.91 8.47 24.20
CA ASP E 108 -23.22 7.93 23.87
C ASP E 108 -23.80 7.14 25.04
N PHE E 109 -23.01 6.27 25.65
CA PHE E 109 -23.48 5.40 26.72
C PHE E 109 -22.81 5.79 28.03
N TRP E 110 -23.62 5.84 29.09
CA TRP E 110 -23.15 6.18 30.43
C TRP E 110 -23.27 4.96 31.34
N GLY E 111 -22.33 4.86 32.29
CA GLY E 111 -22.33 3.78 33.24
C GLY E 111 -23.39 3.97 34.31
N GLN E 112 -23.49 2.96 35.19
CA GLN E 112 -24.46 3.01 36.28
C GLN E 112 -24.06 4.04 37.34
N GLY E 113 -22.76 4.18 37.58
CA GLY E 113 -22.27 5.14 38.56
C GLY E 113 -22.41 4.66 39.99
N THR E 114 -21.49 5.08 40.86
CA THR E 114 -21.51 4.69 42.27
C THR E 114 -21.33 5.93 43.14
N THR E 115 -21.97 5.90 44.29
CA THR E 115 -21.92 7.02 45.23
C THR E 115 -20.76 6.85 46.21
N LEU E 116 -20.04 7.94 46.47
CA LEU E 116 -18.93 7.95 47.41
C LEU E 116 -19.12 9.11 48.38
N THR E 117 -19.22 8.80 49.67
CA THR E 117 -19.40 9.80 50.72
C THR E 117 -18.14 9.89 51.57
N VAL E 118 -17.79 11.10 51.97
CA VAL E 118 -16.62 11.35 52.81
C VAL E 118 -17.10 11.83 54.17
N SER E 119 -16.19 11.77 55.14
CA SER E 119 -16.45 12.17 56.52
C SER E 119 -17.68 11.48 57.10
N ALA E 136 -7.81 29.22 29.79
CA ALA E 136 -8.60 28.72 30.89
C ALA E 136 -9.70 27.77 30.40
N ASP E 137 -10.42 27.17 31.34
CA ASP E 137 -11.49 26.24 30.97
C ASP E 137 -12.70 27.00 30.44
N ILE E 138 -13.37 26.38 29.47
CA ILE E 138 -14.55 26.97 28.84
C ILE E 138 -15.76 26.58 29.68
N VAL E 139 -16.17 27.48 30.57
CA VAL E 139 -17.31 27.22 31.44
C VAL E 139 -18.60 27.40 30.65
N MET E 140 -19.64 26.68 31.08
CA MET E 140 -20.95 26.72 30.45
C MET E 140 -21.92 27.42 31.40
N THR E 141 -22.37 28.61 31.00
CA THR E 141 -23.29 29.42 31.80
C THR E 141 -24.69 29.27 31.21
N GLN E 142 -25.53 28.48 31.87
CA GLN E 142 -26.90 28.26 31.42
C GLN E 142 -27.80 29.33 32.04
N ALA E 143 -28.39 30.17 31.19
CA ALA E 143 -29.27 31.22 31.69
C ALA E 143 -30.59 30.65 32.20
N THR E 144 -31.00 29.49 31.70
CA THR E 144 -32.24 28.85 32.11
C THR E 144 -31.93 27.64 32.98
N SER E 145 -32.60 27.54 34.12
CA SER E 145 -32.40 26.43 35.05
C SER E 145 -33.69 25.78 35.53
N SER E 146 -34.85 26.42 35.36
CA SER E 146 -36.12 25.84 35.79
C SER E 146 -37.21 26.36 34.85
N VAL E 147 -37.58 25.55 33.87
CA VAL E 147 -38.59 25.93 32.90
C VAL E 147 -39.77 24.98 33.03
N PRO E 148 -40.78 25.30 33.83
CA PRO E 148 -41.95 24.42 33.95
C PRO E 148 -42.81 24.50 32.69
N VAL E 149 -43.11 23.33 32.12
CA VAL E 149 -43.91 23.24 30.91
C VAL E 149 -44.62 21.89 30.90
N THR E 150 -45.91 21.91 30.56
CA THR E 150 -46.68 20.68 30.50
C THR E 150 -46.25 19.84 29.30
N PRO E 151 -46.29 18.52 29.42
CA PRO E 151 -45.92 17.67 28.28
C PRO E 151 -46.87 17.83 27.11
N GLY E 152 -46.33 17.71 25.90
CA GLY E 152 -47.08 17.82 24.67
C GLY E 152 -46.79 19.08 23.87
N GLU E 153 -46.15 20.07 24.48
CA GLU E 153 -45.82 21.32 23.82
C GLU E 153 -44.33 21.40 23.53
N SER E 154 -43.97 22.33 22.65
CA SER E 154 -42.57 22.53 22.27
C SER E 154 -41.86 23.36 23.33
N VAL E 155 -40.66 22.91 23.70
CA VAL E 155 -39.85 23.61 24.70
C VAL E 155 -38.51 23.95 24.07
N SER E 156 -37.86 24.98 24.62
CA SER E 156 -36.58 25.45 24.10
C SER E 156 -35.67 25.75 25.28
N ILE E 157 -34.59 24.99 25.40
CA ILE E 157 -33.59 25.20 26.45
C ILE E 157 -32.40 25.91 25.82
N SER E 158 -32.05 27.08 26.36
CA SER E 158 -30.97 27.89 25.83
C SER E 158 -29.77 27.84 26.77
N CYS E 159 -28.58 27.99 26.18
CA CYS E 159 -27.34 28.01 26.96
C CYS E 159 -26.33 28.90 26.24
N ARG E 160 -25.33 29.35 26.99
CA ARG E 160 -24.30 30.24 26.47
C ARG E 160 -22.95 29.84 27.04
N SER E 161 -21.94 29.81 26.18
CA SER E 161 -20.57 29.47 26.57
C SER E 161 -19.72 30.73 26.62
N SER E 162 -18.63 30.63 27.38
CA SER E 162 -17.70 31.75 27.54
C SER E 162 -16.67 31.84 26.42
N LYS E 163 -16.74 30.95 25.43
CA LYS E 163 -15.80 30.96 24.33
C LYS E 163 -16.44 30.31 23.11
N SER E 164 -16.09 30.80 21.93
CA SER E 164 -16.64 30.26 20.69
C SER E 164 -16.19 28.82 20.51
N LEU E 165 -17.16 27.90 20.45
CA LEU E 165 -16.87 26.47 20.30
C LEU E 165 -16.73 26.04 18.85
N LEU E 166 -17.07 26.90 17.89
CA LEU E 166 -16.99 26.56 16.48
C LEU E 166 -15.52 26.52 16.07
N HIS E 167 -14.97 25.31 15.94
CA HIS E 167 -13.58 25.15 15.57
C HIS E 167 -13.40 25.43 14.07
N SER E 168 -12.15 25.62 13.67
CA SER E 168 -11.84 25.93 12.28
C SER E 168 -12.11 24.76 11.34
N ASN E 169 -12.22 23.53 11.88
CA ASN E 169 -12.47 22.38 11.03
C ASN E 169 -13.91 22.34 10.50
N GLY E 170 -14.84 23.02 11.17
CA GLY E 170 -16.22 23.06 10.76
C GLY E 170 -17.18 22.28 11.64
N ASN E 171 -16.70 21.65 12.70
CA ASN E 171 -17.52 20.87 13.61
C ASN E 171 -17.68 21.61 14.92
N THR E 172 -18.93 21.77 15.34
CA THR E 172 -19.26 22.45 16.60
C THR E 172 -19.46 21.41 17.70
N TYR E 173 -18.72 21.56 18.79
CA TYR E 173 -18.76 20.60 19.90
C TYR E 173 -19.86 21.03 20.87
N LEU E 174 -20.96 20.29 20.88
CA LEU E 174 -22.10 20.60 21.74
C LEU E 174 -22.79 19.29 22.11
N TYR E 175 -22.57 18.81 23.32
CA TYR E 175 -23.16 17.57 23.80
C TYR E 175 -24.27 17.86 24.80
N TRP E 176 -25.40 17.17 24.61
CA TRP E 176 -26.55 17.29 25.49
C TRP E 176 -26.77 15.97 26.22
N PHE E 177 -27.06 16.04 27.50
CA PHE E 177 -27.28 14.86 28.33
C PHE E 177 -28.57 15.04 29.12
N LEU E 178 -29.48 14.08 28.98
CA LEU E 178 -30.75 14.09 29.70
C LEU E 178 -30.64 13.10 30.86
N GLN E 179 -30.66 13.62 32.08
CA GLN E 179 -30.55 12.80 33.28
C GLN E 179 -31.91 12.74 33.96
N ARG E 180 -32.50 11.54 34.01
CA ARG E 180 -33.78 11.32 34.67
C ARG E 180 -33.56 10.97 36.14
N PRO E 181 -34.52 11.28 37.01
CA PRO E 181 -34.39 10.92 38.42
C PRO E 181 -34.25 9.42 38.61
N GLY E 182 -33.08 9.00 39.11
CA GLY E 182 -32.80 7.60 39.30
C GLY E 182 -32.16 6.90 38.13
N GLN E 183 -31.85 7.63 37.05
CA GLN E 183 -31.25 7.04 35.86
C GLN E 183 -30.06 7.88 35.42
N SER E 184 -29.04 7.21 34.89
CA SER E 184 -27.86 7.91 34.43
C SER E 184 -28.18 8.79 33.22
N PRO E 185 -27.42 9.85 33.00
CA PRO E 185 -27.67 10.72 31.83
C PRO E 185 -27.52 9.95 30.53
N GLN E 186 -28.35 10.31 29.55
CA GLN E 186 -28.37 9.68 28.25
C GLN E 186 -28.15 10.74 27.17
N LEU E 187 -27.28 10.44 26.21
CA LEU E 187 -26.94 11.41 25.18
C LEU E 187 -28.12 11.64 24.24
N LEU E 188 -28.34 12.90 23.87
CA LEU E 188 -29.40 13.27 22.95
C LEU E 188 -28.83 13.71 21.60
N ILE E 189 -27.95 14.72 21.59
CA ILE E 189 -27.33 15.21 20.38
C ILE E 189 -25.85 15.46 20.68
N TYR E 190 -24.97 14.78 19.94
CA TYR E 190 -23.54 14.88 20.22
C TYR E 190 -22.90 16.07 19.52
N ARG E 191 -23.37 16.44 18.34
CA ARG E 191 -22.88 17.60 17.62
C ARG E 191 -23.87 18.77 17.80
N MET E 192 -23.65 19.84 17.03
CA MET E 192 -24.58 20.97 17.08
C MET E 192 -25.95 20.58 16.52
N SER E 193 -25.96 19.79 15.45
CA SER E 193 -27.22 19.36 14.84
C SER E 193 -27.27 17.89 14.49
N ASN E 194 -26.17 17.15 14.56
CA ASN E 194 -26.16 15.73 14.19
C ASN E 194 -26.78 14.92 15.32
N LEU E 195 -27.97 14.38 15.07
CA LEU E 195 -28.66 13.60 16.08
C LEU E 195 -27.93 12.28 16.34
N ALA E 196 -27.96 11.84 17.60
CA ALA E 196 -27.30 10.62 18.02
C ALA E 196 -28.21 9.43 17.76
N SER E 197 -27.81 8.26 18.23
CA SER E 197 -28.57 7.03 18.07
C SER E 197 -29.33 6.72 19.36
N GLY E 198 -30.41 5.95 19.21
CA GLY E 198 -31.24 5.60 20.35
C GLY E 198 -32.01 6.75 20.94
N VAL E 199 -32.17 7.84 20.21
CA VAL E 199 -32.87 9.02 20.69
C VAL E 199 -33.89 9.46 19.65
N PRO E 200 -35.13 9.76 20.02
CA PRO E 200 -36.12 10.20 19.04
C PRO E 200 -35.71 11.50 18.35
N ASP E 201 -36.31 11.73 17.18
CA ASP E 201 -36.00 12.90 16.37
C ASP E 201 -36.65 14.18 16.89
N ARG E 202 -37.38 14.11 18.01
CA ARG E 202 -38.03 15.29 18.56
C ARG E 202 -37.03 16.33 19.04
N PHE E 203 -35.80 15.94 19.35
CA PHE E 203 -34.78 16.87 19.82
C PHE E 203 -34.01 17.44 18.65
N SER E 204 -33.82 18.75 18.64
CA SER E 204 -33.05 19.42 17.60
C SER E 204 -32.16 20.47 18.23
N GLY E 205 -30.98 20.68 17.64
CA GLY E 205 -30.02 21.65 18.14
C GLY E 205 -29.76 22.73 17.11
N SER E 206 -29.60 23.96 17.59
CA SER E 206 -29.34 25.09 16.71
C SER E 206 -28.63 26.17 17.50
N GLY E 207 -28.34 27.29 16.82
CA GLY E 207 -27.72 28.43 17.44
C GLY E 207 -26.41 28.78 16.76
N SER E 208 -25.76 29.81 17.30
CA SER E 208 -24.48 30.28 16.80
C SER E 208 -23.35 29.64 17.61
N GLY E 209 -22.13 30.12 17.38
CA GLY E 209 -20.97 29.60 18.08
C GLY E 209 -20.90 29.96 19.56
N THR E 210 -21.77 30.85 20.03
CA THR E 210 -21.79 31.27 21.42
C THR E 210 -23.06 30.84 22.14
N ALA E 211 -24.22 31.13 21.57
CA ALA E 211 -25.50 30.78 22.18
C ALA E 211 -26.08 29.57 21.46
N PHE E 212 -26.38 28.52 22.22
CA PHE E 212 -26.93 27.28 21.68
C PHE E 212 -28.33 27.07 22.22
N THR E 213 -29.16 26.38 21.42
CA THR E 213 -30.55 26.13 21.77
C THR E 213 -30.90 24.69 21.42
N LEU E 214 -31.64 24.05 22.33
CA LEU E 214 -32.15 22.69 22.15
C LEU E 214 -33.67 22.77 22.17
N THR E 215 -34.30 22.42 21.05
CA THR E 215 -35.74 22.52 20.89
C THR E 215 -36.35 21.12 20.84
N ILE E 216 -37.43 20.94 21.60
CA ILE E 216 -38.18 19.69 21.62
C ILE E 216 -39.59 19.97 21.13
N SER E 217 -40.03 19.22 20.11
CA SER E 217 -41.34 19.46 19.52
C SER E 217 -42.46 19.09 20.49
N ARG E 218 -42.35 17.94 21.15
CA ARG E 218 -43.36 17.49 22.09
C ARG E 218 -42.70 16.71 23.21
N LEU E 219 -43.27 16.84 24.41
CA LEU E 219 -42.77 16.16 25.60
C LEU E 219 -43.73 15.04 26.00
N GLU E 220 -43.16 13.99 26.58
CA GLU E 220 -43.92 12.84 27.05
C GLU E 220 -43.65 12.63 28.54
N ALA E 221 -44.19 11.54 29.08
CA ALA E 221 -43.99 11.24 30.50
C ALA E 221 -42.55 10.85 30.78
N GLU E 222 -41.88 10.19 29.84
CA GLU E 222 -40.50 9.77 30.00
C GLU E 222 -39.51 10.83 29.52
N ASP E 223 -39.99 12.01 29.14
CA ASP E 223 -39.14 13.09 28.65
C ASP E 223 -38.86 14.14 29.71
N VAL E 224 -38.75 13.72 30.97
CA VAL E 224 -38.47 14.64 32.08
C VAL E 224 -37.07 14.36 32.60
N GLY E 225 -36.46 15.40 33.14
CA GLY E 225 -35.11 15.28 33.68
C GLY E 225 -34.35 16.57 33.48
N VAL E 226 -33.09 16.53 33.89
CA VAL E 226 -32.20 17.69 33.79
C VAL E 226 -31.42 17.60 32.48
N TYR E 227 -31.28 18.73 31.79
CA TYR E 227 -30.57 18.82 30.53
C TYR E 227 -29.23 19.49 30.77
N TYR E 228 -28.15 18.71 30.74
CA TYR E 228 -26.81 19.24 30.91
C TYR E 228 -26.15 19.42 29.55
N CYS E 229 -25.34 20.47 29.44
CA CYS E 229 -24.60 20.77 28.23
C CYS E 229 -23.11 20.65 28.50
N MET E 230 -22.38 20.10 27.52
CA MET E 230 -20.95 19.88 27.64
C MET E 230 -20.26 20.29 26.35
N GLN E 231 -19.13 20.99 26.50
CA GLN E 231 -18.29 21.37 25.37
C GLN E 231 -17.06 20.48 25.33
N HIS E 232 -16.53 20.29 24.12
CA HIS E 232 -15.36 19.43 23.91
C HIS E 232 -14.38 20.11 22.96
N LEU E 233 -14.19 21.42 23.12
CA LEU E 233 -13.23 22.14 22.28
C LEU E 233 -11.81 21.93 22.77
N GLU E 234 -11.59 22.07 24.07
CA GLU E 234 -10.28 21.88 24.69
C GLU E 234 -10.34 20.69 25.64
N TYR E 235 -9.19 20.36 26.22
CA TYR E 235 -9.09 19.22 27.13
C TYR E 235 -9.83 19.43 28.46
N PRO E 236 -9.93 20.66 29.02
CA PRO E 236 -10.75 20.82 30.23
C PRO E 236 -12.24 20.73 29.91
N LEU E 237 -12.87 19.63 30.32
CA LEU E 237 -14.29 19.40 30.08
C LEU E 237 -15.10 19.94 31.25
N THR E 238 -15.90 20.96 31.01
CA THR E 238 -16.73 21.58 32.02
C THR E 238 -18.19 21.53 31.60
N PHE E 239 -19.07 21.21 32.55
CA PHE E 239 -20.50 21.11 32.30
C PHE E 239 -21.19 22.42 32.70
N GLY E 240 -22.51 22.44 32.51
CA GLY E 240 -23.31 23.60 32.86
C GLY E 240 -23.94 23.45 34.24
N ALA E 241 -24.79 24.43 34.56
CA ALA E 241 -25.47 24.42 35.86
C ALA E 241 -26.59 23.41 35.90
N GLY E 242 -27.21 23.11 34.75
CA GLY E 242 -28.30 22.16 34.70
C GLY E 242 -29.65 22.81 34.50
N THR E 243 -30.38 22.36 33.48
CA THR E 243 -31.70 22.90 33.15
C THR E 243 -32.71 21.75 33.17
N LYS E 244 -33.56 21.72 34.19
CA LYS E 244 -34.58 20.70 34.33
C LYS E 244 -35.95 21.25 33.99
N LEU E 245 -36.83 20.39 33.49
CA LEU E 245 -38.19 20.75 33.11
C LEU E 245 -39.15 20.19 34.14
N GLU E 246 -39.93 21.06 34.76
CA GLU E 246 -40.90 20.66 35.77
C GLU E 246 -42.26 20.38 35.11
N LEU E 247 -43.17 19.83 35.91
CA LEU E 247 -44.50 19.51 35.43
C LEU E 247 -45.55 20.41 36.08
N THR F 6 -31.51 -31.46 -24.28
CA THR F 6 -32.46 -30.41 -24.60
C THR F 6 -31.97 -29.05 -24.10
N ALA F 7 -30.71 -29.01 -23.65
CA ALA F 7 -30.13 -27.77 -23.16
C ALA F 7 -29.68 -26.86 -24.29
N SER F 8 -29.23 -27.42 -25.41
CA SER F 8 -28.76 -26.62 -26.52
C SER F 8 -29.91 -25.81 -27.13
N ILE F 9 -31.03 -26.47 -27.42
CA ILE F 9 -32.19 -25.75 -27.96
C ILE F 9 -32.72 -24.76 -26.93
N ALA F 10 -32.62 -25.09 -25.64
CA ALA F 10 -33.11 -24.18 -24.60
C ALA F 10 -32.29 -22.90 -24.59
N GLN F 11 -30.96 -23.01 -24.55
CA GLN F 11 -30.13 -21.81 -24.57
C GLN F 11 -30.25 -21.05 -25.88
N ALA F 12 -30.45 -21.78 -26.99
CA ALA F 12 -30.63 -21.11 -28.27
C ALA F 12 -31.90 -20.28 -28.29
N ARG F 13 -33.02 -20.85 -27.85
CA ARG F 13 -34.27 -20.09 -27.84
C ARG F 13 -34.23 -18.96 -26.80
N LYS F 14 -33.52 -19.16 -25.69
CA LYS F 14 -33.35 -18.06 -24.73
C LYS F 14 -32.56 -16.91 -25.34
N LEU F 15 -31.47 -17.23 -26.06
CA LEU F 15 -30.70 -16.18 -26.70
C LEU F 15 -31.52 -15.47 -27.78
N VAL F 16 -32.33 -16.24 -28.53
CA VAL F 16 -33.17 -15.63 -29.56
C VAL F 16 -34.21 -14.70 -28.92
N GLU F 17 -34.80 -15.12 -27.80
CA GLU F 17 -35.78 -14.28 -27.12
C GLU F 17 -35.13 -13.02 -26.58
N GLN F 18 -33.94 -13.15 -25.98
CA GLN F 18 -33.24 -11.96 -25.49
C GLN F 18 -32.89 -11.01 -26.64
N LEU F 19 -32.47 -11.55 -27.77
CA LEU F 19 -32.10 -10.70 -28.91
C LEU F 19 -33.32 -10.01 -29.49
N LYS F 20 -34.45 -10.71 -29.60
CA LYS F 20 -35.65 -10.08 -30.14
C LYS F 20 -36.25 -9.08 -29.17
N MET F 21 -36.03 -9.27 -27.86
CA MET F 21 -36.46 -8.26 -26.90
C MET F 21 -35.55 -7.04 -26.93
N GLU F 22 -34.25 -7.24 -27.20
CA GLU F 22 -33.34 -6.11 -27.32
C GLU F 22 -33.59 -5.32 -28.60
N ALA F 23 -33.95 -6.01 -29.68
CA ALA F 23 -34.17 -5.35 -30.97
C ALA F 23 -35.44 -4.52 -31.02
N ASN F 24 -36.24 -4.49 -29.96
CA ASN F 24 -37.48 -3.73 -29.91
C ASN F 24 -37.43 -2.63 -28.85
N ILE F 25 -36.30 -1.93 -28.77
CA ILE F 25 -36.13 -0.84 -27.81
C ILE F 25 -36.19 0.49 -28.57
N ASP F 26 -36.27 1.58 -27.80
CA ASP F 26 -36.33 2.92 -28.35
C ASP F 26 -34.89 3.41 -28.59
N ARG F 27 -34.54 3.58 -29.86
CA ARG F 27 -33.20 4.04 -30.25
C ARG F 27 -33.34 5.34 -31.02
N ILE F 28 -33.10 6.47 -30.35
CA ILE F 28 -33.18 7.78 -30.97
C ILE F 28 -31.89 8.05 -31.73
N LYS F 29 -31.90 9.08 -32.58
CA LYS F 29 -30.73 9.42 -33.37
C LYS F 29 -29.59 9.89 -32.47
N VAL F 30 -28.38 9.91 -33.03
CA VAL F 30 -27.20 10.30 -32.26
C VAL F 30 -27.21 11.79 -31.96
N SER F 31 -27.83 12.60 -32.83
CA SER F 31 -27.82 14.05 -32.65
C SER F 31 -28.52 14.47 -31.36
N LYS F 32 -29.66 13.84 -31.06
CA LYS F 32 -30.41 14.21 -29.86
C LYS F 32 -29.63 13.87 -28.60
N ALA F 33 -29.07 12.66 -28.53
CA ALA F 33 -28.30 12.28 -27.35
C ALA F 33 -27.05 13.13 -27.21
N ALA F 34 -26.41 13.48 -28.34
CA ALA F 34 -25.23 14.33 -28.29
C ALA F 34 -25.57 15.71 -27.77
N ALA F 35 -26.67 16.30 -28.26
CA ALA F 35 -27.09 17.61 -27.77
C ALA F 35 -27.45 17.56 -26.29
N ASP F 36 -28.10 16.47 -25.86
CA ASP F 36 -28.43 16.33 -24.44
C ASP F 36 -27.18 16.25 -23.58
N LEU F 37 -26.20 15.46 -24.00
CA LEU F 37 -24.96 15.35 -23.25
C LEU F 37 -24.21 16.68 -23.22
N MET F 38 -24.19 17.40 -24.34
CA MET F 38 -23.52 18.70 -24.36
C MET F 38 -24.21 19.70 -23.45
N ALA F 39 -25.55 19.70 -23.45
CA ALA F 39 -26.28 20.60 -22.57
C ALA F 39 -26.04 20.26 -21.11
N TYR F 40 -26.02 18.97 -20.77
CA TYR F 40 -25.75 18.56 -19.40
C TYR F 40 -24.35 18.97 -18.97
N CYS F 41 -23.36 18.79 -19.84
CA CYS F 41 -21.99 19.18 -19.51
C CYS F 41 -21.87 20.69 -19.34
N GLU F 42 -22.53 21.46 -20.21
CA GLU F 42 -22.45 22.91 -20.10
C GLU F 42 -23.22 23.43 -18.89
N ALA F 43 -24.23 22.69 -18.44
CA ALA F 43 -25.01 23.14 -17.28
C ALA F 43 -24.32 22.78 -15.97
N HIS F 44 -23.69 21.60 -15.91
CA HIS F 44 -23.04 21.15 -14.67
C HIS F 44 -21.57 21.56 -14.59
N ALA F 45 -21.06 22.30 -15.58
CA ALA F 45 -19.67 22.73 -15.54
C ALA F 45 -19.44 23.88 -14.57
N LYS F 46 -20.50 24.51 -14.06
CA LYS F 46 -20.32 25.64 -13.15
C LYS F 46 -19.92 25.18 -11.76
N GLU F 47 -20.45 24.04 -11.31
CA GLU F 47 -20.19 23.53 -9.96
C GLU F 47 -19.33 22.27 -10.00
N ASP F 48 -18.41 22.17 -10.95
CA ASP F 48 -17.52 21.03 -11.04
C ASP F 48 -16.15 21.43 -10.51
N PRO F 49 -15.73 20.95 -9.34
CA PRO F 49 -14.41 21.35 -8.81
C PRO F 49 -13.23 20.82 -9.59
N LEU F 50 -13.44 19.89 -10.51
CA LEU F 50 -12.33 19.33 -11.29
C LEU F 50 -12.09 20.10 -12.59
N LEU F 51 -13.15 20.52 -13.27
CA LEU F 51 -12.98 21.24 -14.52
C LEU F 51 -12.50 22.67 -14.27
N THR F 52 -13.07 23.34 -13.27
CA THR F 52 -12.68 24.71 -12.98
C THR F 52 -11.75 24.77 -11.77
N PRO F 53 -10.71 25.60 -11.84
CA PRO F 53 -9.78 25.74 -10.71
C PRO F 53 -10.48 26.34 -9.49
N VAL F 54 -10.55 25.57 -8.42
CA VAL F 54 -11.17 26.01 -7.17
C VAL F 54 -10.08 26.43 -6.21
N PRO F 55 -10.18 27.60 -5.56
CA PRO F 55 -9.14 28.03 -4.62
C PRO F 55 -9.19 27.25 -3.32
N ALA F 56 -8.35 27.63 -2.37
CA ALA F 56 -8.22 26.94 -1.08
C ALA F 56 -9.42 27.15 -0.16
N SER F 57 -10.49 27.81 -0.60
CA SER F 57 -11.65 28.00 0.26
C SER F 57 -12.42 26.70 0.45
N GLU F 58 -12.35 25.79 -0.52
CA GLU F 58 -13.03 24.51 -0.44
C GLU F 58 -12.09 23.32 -0.31
N ASN F 59 -10.79 23.50 -0.52
CA ASN F 59 -9.84 22.42 -0.43
C ASN F 59 -9.51 22.09 1.03
#